data_3TJ3
#
_entry.id   3TJ3
#
_cell.length_a   81.683
_cell.length_b   98.291
_cell.length_c   135.352
_cell.angle_alpha   90.00
_cell.angle_beta   90.00
_cell.angle_gamma   90.00
#
_symmetry.space_group_name_H-M   'P 21 21 21'
#
loop_
_entity.id
_entity.type
_entity.pdbx_description
1 polymer 'Importin subunit alpha-1'
2 polymer 'Nuclear pore complex protein Nup50'
3 water water
#
loop_
_entity_poly.entity_id
_entity_poly.type
_entity_poly.pdbx_seq_one_letter_code
_entity_poly.pdbx_strand_id
1 'polypeptide(L)'
;GFHEAQISNMEMAPGGVITSDMIEMIFSKSPEQQLSATQKFRKLLSKEPNPPIDEVISTPGVVARFVEFLKRKENCTLQF
ESAWVLTNIASGNSLQTRIVIQAGAVPIFIELLSSEFEDVQEQAVWALGNIAGDSTMCRDYVLDCNILPPLLQLFSKQNR
LTMTRNAVWALSNLCRGKSPPPEFAKVSPCLNVLSWLLFVSDTDVLADACWALSYLSDGPNDKIQAVIDAGVCRRLVELL
MHNDYKVVSPALRAVGNIVTGDDIQTQVILNCSALQSLLHLLSSPKESIKKEACWTISNITAGNRAQIQTVIDANIFPAL
ISILQTAEFRTRKEAAWAITNATSGGSAEQIKYLVELGCIKPLCDLLTVMDSKIVQVALNGLENILRLGEQEAKRNGTGI
NPYCALIEEAYGLDKIEFLQSHENQEIYQKAFDLIEHYFGTEDEDSS
;
A,B
2 'polypeptide(L)'
;GPLGSMAKRNAEKELTDRNWDQEDEAEEVGTFSMASEEVLKNRAIKKAKRRNVGFESDTGGAFKGFKGLVVPSGGGRFSG
FGSGAGGKPLEGLSNGNNITSAPPFASAKAAADP
;
C,D
#
# COMPACT_ATOMS: atom_id res chain seq x y z
N VAL A 17 47.07 -21.94 6.22
CA VAL A 17 46.40 -22.89 5.33
C VAL A 17 46.57 -22.51 3.87
N ILE A 18 46.94 -21.26 3.62
CA ILE A 18 47.17 -20.78 2.26
C ILE A 18 48.64 -20.47 2.04
N THR A 19 49.25 -21.13 1.05
CA THR A 19 50.68 -21.03 0.82
C THR A 19 51.02 -19.97 -0.23
N SER A 20 52.30 -19.61 -0.27
CA SER A 20 52.79 -18.67 -1.27
C SER A 20 52.80 -19.35 -2.64
N ASP A 21 53.06 -20.65 -2.64
CA ASP A 21 53.02 -21.43 -3.86
C ASP A 21 51.68 -21.24 -4.57
N MET A 22 50.59 -21.41 -3.83
CA MET A 22 49.26 -21.27 -4.40
C MET A 22 49.07 -19.87 -4.95
N ILE A 23 49.70 -18.89 -4.31
CA ILE A 23 49.59 -17.50 -4.74
C ILE A 23 50.44 -17.23 -5.98
N GLU A 24 51.65 -17.77 -5.99
CA GLU A 24 52.56 -17.59 -7.12
C GLU A 24 51.96 -18.22 -8.39
N MET A 25 51.44 -19.43 -8.24
CA MET A 25 50.81 -20.12 -9.36
C MET A 25 49.61 -19.33 -9.89
N ILE A 26 48.80 -18.81 -8.97
CA ILE A 26 47.63 -18.01 -9.36
C ILE A 26 48.02 -16.85 -10.26
N PHE A 27 49.11 -16.18 -9.92
CA PHE A 27 49.52 -14.97 -10.62
C PHE A 27 50.41 -15.20 -11.83
N SER A 28 50.95 -16.41 -11.97
CA SER A 28 51.82 -16.72 -13.10
C SER A 28 51.04 -16.73 -14.42
N LYS A 29 51.74 -16.98 -15.51
CA LYS A 29 51.15 -16.87 -16.85
C LYS A 29 50.91 -18.21 -17.55
N SER A 30 50.96 -19.31 -16.82
CA SER A 30 50.65 -20.63 -17.38
C SER A 30 49.31 -21.13 -16.87
N PRO A 31 48.34 -21.26 -17.77
CA PRO A 31 46.96 -21.67 -17.45
C PRO A 31 46.89 -23.01 -16.71
N GLU A 32 48.05 -23.60 -16.46
CA GLU A 32 48.12 -24.90 -15.80
C GLU A 32 48.34 -24.75 -14.30
N GLN A 33 49.27 -23.88 -13.91
CA GLN A 33 49.50 -23.57 -12.52
C GLN A 33 48.32 -22.80 -11.97
N GLN A 34 47.76 -21.93 -12.81
CA GLN A 34 46.58 -21.14 -12.45
C GLN A 34 45.42 -22.04 -12.01
N LEU A 35 45.06 -23.00 -12.86
CA LEU A 35 43.98 -23.92 -12.55
C LEU A 35 44.29 -24.76 -11.31
N SER A 36 45.46 -25.38 -11.27
CA SER A 36 45.82 -26.23 -10.15
C SER A 36 45.72 -25.49 -8.83
N ALA A 37 46.11 -24.21 -8.84
CA ALA A 37 46.01 -23.36 -7.67
C ALA A 37 44.55 -23.12 -7.33
N THR A 38 43.80 -22.60 -8.30
CA THR A 38 42.38 -22.30 -8.10
C THR A 38 41.63 -23.46 -7.45
N GLN A 39 41.95 -24.68 -7.87
CA GLN A 39 41.32 -25.87 -7.29
C GLN A 39 41.61 -26.01 -5.79
N LYS A 40 42.89 -25.90 -5.41
CA LYS A 40 43.27 -25.95 -4.01
C LYS A 40 42.44 -24.95 -3.21
N PHE A 41 42.28 -23.75 -3.74
CA PHE A 41 41.44 -22.72 -3.13
C PHE A 41 40.05 -23.24 -2.83
N ARG A 42 39.29 -23.57 -3.87
CA ARG A 42 37.89 -23.97 -3.68
C ARG A 42 37.73 -25.16 -2.76
N LYS A 43 38.63 -26.13 -2.85
CA LYS A 43 38.56 -27.33 -2.02
C LYS A 43 38.69 -26.97 -0.54
N LEU A 44 39.57 -26.03 -0.26
CA LEU A 44 39.73 -25.49 1.09
C LEU A 44 38.50 -24.68 1.50
N LEU A 45 38.08 -23.78 0.62
CA LEU A 45 36.88 -22.97 0.84
C LEU A 45 35.61 -23.82 0.91
N SER A 46 35.72 -25.10 0.57
CA SER A 46 34.58 -26.01 0.60
C SER A 46 34.45 -26.72 1.94
N LYS A 47 35.27 -26.30 2.91
CA LYS A 47 35.22 -26.88 4.25
C LYS A 47 34.09 -26.26 5.06
N GLU A 48 33.00 -27.01 5.22
CA GLU A 48 31.85 -26.54 5.97
C GLU A 48 32.26 -25.78 7.21
N PRO A 49 33.02 -26.39 8.13
CA PRO A 49 33.15 -25.83 9.49
C PRO A 49 33.80 -24.42 9.71
N ASN A 50 34.92 -24.07 9.06
CA ASN A 50 35.34 -22.69 8.90
C ASN A 50 36.34 -22.50 7.75
N PRO A 51 35.83 -22.19 6.57
CA PRO A 51 36.67 -21.95 5.40
C PRO A 51 37.63 -20.81 5.70
N PRO A 52 38.88 -20.90 5.23
CA PRO A 52 39.84 -19.83 5.43
C PRO A 52 39.52 -18.63 4.54
N ILE A 53 38.30 -18.13 4.66
CA ILE A 53 37.85 -17.03 3.80
C ILE A 53 38.61 -15.75 4.10
N ASP A 54 38.92 -15.54 5.37
CA ASP A 54 39.64 -14.35 5.79
C ASP A 54 40.98 -14.22 5.09
N GLU A 55 41.75 -15.30 5.09
CA GLU A 55 43.08 -15.27 4.47
C GLU A 55 42.97 -14.98 2.98
N VAL A 56 42.16 -15.78 2.29
CA VAL A 56 41.98 -15.64 0.86
C VAL A 56 41.71 -14.18 0.53
N ILE A 57 40.75 -13.61 1.22
CA ILE A 57 40.34 -12.23 1.01
C ILE A 57 41.47 -11.29 1.41
N SER A 58 42.23 -11.70 2.41
CA SER A 58 43.35 -10.89 2.90
C SER A 58 44.38 -10.66 1.81
N THR A 59 44.93 -11.75 1.27
CA THR A 59 45.89 -11.65 0.18
C THR A 59 45.32 -10.83 -0.97
N PRO A 60 45.98 -9.70 -1.28
CA PRO A 60 45.47 -8.68 -2.21
C PRO A 60 45.48 -9.16 -3.66
N GLY A 61 44.41 -8.83 -4.40
CA GLY A 61 44.33 -9.16 -5.81
C GLY A 61 43.77 -10.54 -6.11
N VAL A 62 43.68 -11.40 -5.09
CA VAL A 62 43.23 -12.77 -5.27
C VAL A 62 41.81 -12.82 -5.81
N VAL A 63 40.91 -12.10 -5.16
CA VAL A 63 39.52 -12.05 -5.61
C VAL A 63 39.43 -11.46 -7.01
N ALA A 64 40.07 -10.31 -7.21
CA ALA A 64 40.08 -9.65 -8.52
C ALA A 64 40.60 -10.58 -9.61
N ARG A 65 41.48 -11.50 -9.22
CA ARG A 65 42.11 -12.43 -10.15
C ARG A 65 41.12 -13.52 -10.53
N PHE A 66 40.54 -14.16 -9.52
CA PHE A 66 39.50 -15.17 -9.74
C PHE A 66 38.42 -14.66 -10.69
N VAL A 67 38.09 -13.38 -10.55
CA VAL A 67 37.13 -12.72 -11.42
C VAL A 67 37.62 -12.66 -12.87
N GLU A 68 38.91 -12.39 -13.05
CA GLU A 68 39.50 -12.31 -14.39
C GLU A 68 39.55 -13.68 -15.05
N PHE A 69 39.61 -14.72 -14.22
CA PHE A 69 39.61 -16.09 -14.71
C PHE A 69 38.28 -16.44 -15.37
N LEU A 70 37.22 -15.76 -14.93
CA LEU A 70 35.89 -15.96 -15.50
C LEU A 70 35.86 -15.53 -16.97
N LYS A 71 36.84 -14.73 -17.38
CA LYS A 71 36.89 -14.21 -18.74
C LYS A 71 37.56 -15.15 -19.73
N ARG A 72 38.08 -16.27 -19.22
CA ARG A 72 38.77 -17.24 -20.06
C ARG A 72 37.82 -18.06 -20.92
N LYS A 73 37.23 -17.42 -21.93
CA LYS A 73 36.37 -18.09 -22.91
C LYS A 73 36.89 -19.47 -23.31
N GLU A 74 38.19 -19.56 -23.52
CA GLU A 74 38.81 -20.77 -24.06
C GLU A 74 39.00 -21.87 -23.02
N ASN A 75 38.72 -21.56 -21.76
CA ASN A 75 39.03 -22.48 -20.68
C ASN A 75 37.82 -22.82 -19.81
N CYS A 76 37.15 -23.92 -20.14
CA CYS A 76 35.96 -24.36 -19.44
C CYS A 76 36.24 -24.71 -17.97
N THR A 77 37.25 -25.53 -17.75
CA THR A 77 37.57 -25.97 -16.41
C THR A 77 38.04 -24.82 -15.50
N LEU A 78 38.81 -23.89 -16.06
CA LEU A 78 39.31 -22.77 -15.27
C LEU A 78 38.18 -21.83 -14.88
N GLN A 79 37.35 -21.47 -15.86
CA GLN A 79 36.19 -20.64 -15.58
C GLN A 79 35.31 -21.30 -14.52
N PHE A 80 35.09 -22.61 -14.68
CA PHE A 80 34.19 -23.35 -13.82
C PHE A 80 34.61 -23.31 -12.36
N GLU A 81 35.90 -23.50 -12.12
CA GLU A 81 36.45 -23.49 -10.76
C GLU A 81 36.45 -22.08 -10.18
N SER A 82 36.80 -21.08 -10.98
CA SER A 82 36.84 -19.70 -10.52
C SER A 82 35.48 -19.23 -10.01
N ALA A 83 34.45 -19.58 -10.76
CA ALA A 83 33.09 -19.23 -10.39
C ALA A 83 32.68 -20.01 -9.15
N TRP A 84 33.09 -21.27 -9.09
CA TRP A 84 32.87 -22.08 -7.90
C TRP A 84 33.51 -21.44 -6.68
N VAL A 85 34.73 -20.92 -6.85
CA VAL A 85 35.44 -20.29 -5.76
C VAL A 85 34.68 -19.06 -5.28
N LEU A 86 34.53 -18.08 -6.17
CA LEU A 86 33.82 -16.86 -5.85
C LEU A 86 32.50 -17.15 -5.13
N THR A 87 31.84 -18.25 -5.51
CA THR A 87 30.59 -18.64 -4.87
C THR A 87 30.77 -18.99 -3.41
N ASN A 88 31.66 -19.93 -3.12
CA ASN A 88 31.97 -20.29 -1.72
C ASN A 88 32.35 -19.07 -0.89
N ILE A 89 32.99 -18.10 -1.53
CA ILE A 89 33.35 -16.85 -0.85
C ILE A 89 32.09 -16.06 -0.54
N ALA A 90 31.28 -15.82 -1.56
CA ALA A 90 30.11 -14.98 -1.42
C ALA A 90 29.01 -15.66 -0.61
N SER A 91 28.63 -16.86 -1.01
CA SER A 91 27.52 -17.55 -0.35
C SER A 91 27.86 -17.81 1.11
N GLY A 92 27.00 -17.33 2.00
CA GLY A 92 27.15 -17.57 3.42
C GLY A 92 27.70 -16.39 4.20
N ASN A 93 27.53 -15.19 3.66
CA ASN A 93 27.99 -13.98 4.36
C ASN A 93 27.86 -12.70 3.55
N SER A 94 27.00 -11.79 4.02
CA SER A 94 26.69 -10.55 3.32
C SER A 94 27.91 -9.71 2.98
N LEU A 95 28.85 -9.64 3.91
CA LEU A 95 30.05 -8.83 3.70
C LEU A 95 30.93 -9.36 2.57
N GLN A 96 31.22 -10.65 2.57
CA GLN A 96 32.06 -11.22 1.51
C GLN A 96 31.30 -11.25 0.18
N THR A 97 29.98 -11.26 0.27
CA THR A 97 29.14 -11.11 -0.92
C THR A 97 29.39 -9.73 -1.51
N ARG A 98 29.48 -8.71 -0.64
CA ARG A 98 29.79 -7.34 -1.06
C ARG A 98 31.15 -7.29 -1.74
N ILE A 99 32.13 -7.99 -1.17
CA ILE A 99 33.47 -7.97 -1.69
C ILE A 99 33.50 -8.52 -3.12
N VAL A 100 32.75 -9.60 -3.35
CA VAL A 100 32.74 -10.20 -4.68
C VAL A 100 32.00 -9.34 -5.68
N ILE A 101 30.89 -8.74 -5.23
CA ILE A 101 30.13 -7.83 -6.09
C ILE A 101 31.03 -6.69 -6.49
N GLN A 102 31.84 -6.25 -5.53
CA GLN A 102 32.66 -5.06 -5.67
C GLN A 102 33.80 -5.29 -6.68
N ALA A 103 34.20 -6.54 -6.84
CA ALA A 103 35.22 -6.90 -7.83
C ALA A 103 34.65 -6.98 -9.26
N GLY A 104 33.32 -6.94 -9.37
CA GLY A 104 32.67 -6.89 -10.67
C GLY A 104 32.16 -8.22 -11.19
N ALA A 105 32.04 -9.20 -10.29
CA ALA A 105 31.64 -10.54 -10.68
C ALA A 105 30.28 -10.60 -11.39
N VAL A 106 29.30 -9.87 -10.86
CA VAL A 106 27.91 -10.04 -11.29
C VAL A 106 27.71 -9.86 -12.79
N PRO A 107 28.17 -8.73 -13.34
CA PRO A 107 28.07 -8.54 -14.79
C PRO A 107 28.68 -9.70 -15.59
N ILE A 108 29.74 -10.29 -15.06
CA ILE A 108 30.42 -11.36 -15.76
C ILE A 108 29.70 -12.70 -15.59
N PHE A 109 29.23 -12.96 -14.37
CA PHE A 109 28.45 -14.17 -14.11
C PHE A 109 27.28 -14.19 -15.08
N ILE A 110 26.69 -13.02 -15.26
CA ILE A 110 25.60 -12.83 -16.19
C ILE A 110 26.05 -13.13 -17.61
N GLU A 111 27.23 -12.65 -17.96
CA GLU A 111 27.81 -12.94 -19.26
C GLU A 111 27.94 -14.45 -19.50
N LEU A 112 28.39 -15.17 -18.48
CA LEU A 112 28.60 -16.61 -18.61
C LEU A 112 27.32 -17.42 -18.77
N LEU A 113 26.18 -16.79 -18.52
CA LEU A 113 24.90 -17.47 -18.72
C LEU A 113 24.78 -17.86 -20.19
N SER A 114 25.43 -17.07 -21.04
CA SER A 114 25.43 -17.32 -22.48
C SER A 114 26.80 -17.79 -22.97
N SER A 115 27.26 -18.94 -22.47
CA SER A 115 28.50 -19.53 -22.97
C SER A 115 28.23 -20.95 -23.50
N GLU A 116 29.14 -21.48 -24.30
CA GLU A 116 28.91 -22.80 -24.91
C GLU A 116 29.04 -23.94 -23.89
N PHE A 117 29.80 -23.70 -22.82
CA PHE A 117 29.94 -24.69 -21.78
C PHE A 117 28.83 -24.56 -20.74
N GLU A 118 27.89 -25.50 -20.79
CA GLU A 118 26.71 -25.46 -19.94
C GLU A 118 27.09 -25.48 -18.46
N ASP A 119 28.14 -26.24 -18.13
CA ASP A 119 28.58 -26.34 -16.74
C ASP A 119 28.87 -24.93 -16.23
N VAL A 120 29.55 -24.15 -17.04
CA VAL A 120 29.79 -22.75 -16.73
C VAL A 120 28.48 -22.00 -16.56
N GLN A 121 27.50 -22.32 -17.41
CA GLN A 121 26.17 -21.73 -17.30
C GLN A 121 25.51 -22.05 -15.96
N GLU A 122 25.42 -23.34 -15.65
CA GLU A 122 24.86 -23.80 -14.38
C GLU A 122 25.51 -23.10 -13.20
N GLN A 123 26.84 -23.06 -13.22
CA GLN A 123 27.62 -22.48 -12.14
C GLN A 123 27.30 -20.99 -12.02
N ALA A 124 27.30 -20.31 -13.15
CA ALA A 124 26.97 -18.89 -13.17
C ALA A 124 25.57 -18.62 -12.61
N VAL A 125 24.58 -19.36 -13.10
CA VAL A 125 23.21 -19.17 -12.62
C VAL A 125 23.15 -19.35 -11.10
N TRP A 126 23.75 -20.44 -10.61
CA TRP A 126 23.89 -20.67 -9.18
C TRP A 126 24.45 -19.44 -8.47
N ALA A 127 25.65 -19.03 -8.86
CA ALA A 127 26.31 -17.90 -8.25
C ALA A 127 25.35 -16.72 -8.16
N LEU A 128 24.77 -16.37 -9.30
CA LEU A 128 23.83 -15.26 -9.35
C LEU A 128 22.64 -15.48 -8.42
N GLY A 129 22.11 -16.70 -8.43
CA GLY A 129 21.09 -17.08 -7.47
C GLY A 129 21.47 -16.77 -6.04
N ASN A 130 22.66 -17.19 -5.63
CA ASN A 130 23.13 -16.96 -4.27
C ASN A 130 23.28 -15.48 -3.95
N ILE A 131 23.82 -14.73 -4.90
CA ILE A 131 24.04 -13.32 -4.71
C ILE A 131 22.73 -12.57 -4.50
N ALA A 132 21.79 -12.78 -5.41
CA ALA A 132 20.53 -12.03 -5.40
C ALA A 132 19.70 -12.35 -4.17
N GLY A 133 19.87 -13.55 -3.64
CA GLY A 133 19.10 -14.00 -2.50
C GLY A 133 19.72 -13.60 -1.18
N ASP A 134 20.82 -12.87 -1.24
CA ASP A 134 21.51 -12.44 -0.03
C ASP A 134 20.80 -11.30 0.68
N SER A 135 20.16 -10.42 -0.08
CA SER A 135 19.48 -9.27 0.50
C SER A 135 18.62 -8.55 -0.53
N THR A 136 17.79 -7.64 -0.05
CA THR A 136 17.05 -6.75 -0.93
C THR A 136 17.99 -6.03 -1.88
N MET A 137 19.04 -5.45 -1.30
CA MET A 137 20.04 -4.69 -2.03
C MET A 137 20.66 -5.48 -3.18
N CYS A 138 21.06 -6.72 -2.89
CA CYS A 138 21.71 -7.53 -3.89
C CYS A 138 20.71 -8.01 -4.95
N ARG A 139 19.49 -8.31 -4.54
CA ARG A 139 18.45 -8.74 -5.47
C ARG A 139 18.23 -7.65 -6.53
N ASP A 140 17.99 -6.44 -6.05
CA ASP A 140 17.73 -5.31 -6.93
C ASP A 140 18.95 -4.96 -7.80
N TYR A 141 20.15 -5.29 -7.33
CA TYR A 141 21.36 -5.02 -8.09
C TYR A 141 21.51 -6.00 -9.25
N VAL A 142 21.41 -7.29 -8.95
CA VAL A 142 21.54 -8.31 -9.97
C VAL A 142 20.50 -8.10 -11.08
N LEU A 143 19.32 -7.61 -10.73
CA LEU A 143 18.30 -7.33 -11.73
C LEU A 143 18.70 -6.16 -12.61
N ASP A 144 19.27 -5.12 -11.99
CA ASP A 144 19.74 -3.94 -12.70
C ASP A 144 20.79 -4.30 -13.73
N CYS A 145 21.38 -5.47 -13.57
CA CYS A 145 22.37 -5.98 -14.50
C CYS A 145 21.74 -6.92 -15.53
N ASN A 146 20.42 -6.84 -15.69
CA ASN A 146 19.68 -7.58 -16.72
C ASN A 146 19.86 -9.11 -16.71
N ILE A 147 20.00 -9.68 -15.52
CA ILE A 147 20.13 -11.13 -15.41
C ILE A 147 18.96 -11.83 -16.10
N LEU A 148 17.81 -11.17 -16.10
CA LEU A 148 16.57 -11.83 -16.46
C LEU A 148 16.56 -12.44 -17.87
N PRO A 149 16.73 -11.60 -18.91
CA PRO A 149 16.66 -12.11 -20.28
C PRO A 149 17.49 -13.37 -20.54
N PRO A 150 18.78 -13.35 -20.20
CA PRO A 150 19.57 -14.57 -20.45
C PRO A 150 19.16 -15.72 -19.54
N LEU A 151 18.87 -15.41 -18.27
CA LEU A 151 18.38 -16.41 -17.34
C LEU A 151 17.12 -17.09 -17.87
N LEU A 152 16.11 -16.29 -18.25
CA LEU A 152 14.88 -16.85 -18.83
C LEU A 152 15.16 -17.62 -20.11
N GLN A 153 16.21 -17.21 -20.81
CA GLN A 153 16.57 -17.83 -22.08
C GLN A 153 17.07 -19.24 -21.88
N LEU A 154 17.53 -19.54 -20.67
CA LEU A 154 18.01 -20.88 -20.36
C LEU A 154 16.90 -21.91 -20.44
N PHE A 155 15.70 -21.52 -20.01
CA PHE A 155 14.57 -22.43 -20.02
C PHE A 155 14.18 -22.89 -21.42
N SER A 156 14.48 -22.06 -22.42
CA SER A 156 14.10 -22.35 -23.81
C SER A 156 14.47 -23.77 -24.25
N LYS A 157 15.68 -24.20 -23.90
CA LYS A 157 16.16 -25.52 -24.30
C LYS A 157 15.92 -26.57 -23.22
N GLN A 158 15.96 -27.83 -23.62
CA GLN A 158 15.82 -28.94 -22.68
C GLN A 158 17.06 -29.07 -21.82
N ASN A 159 16.97 -28.57 -20.60
CA ASN A 159 18.10 -28.62 -19.67
C ASN A 159 17.88 -29.62 -18.56
N ARG A 160 18.98 -30.21 -18.08
CA ARG A 160 18.94 -31.23 -17.05
C ARG A 160 18.35 -30.68 -15.75
N LEU A 161 17.58 -31.52 -15.08
CA LEU A 161 17.03 -31.20 -13.76
C LEU A 161 17.86 -30.13 -13.05
N THR A 162 19.16 -30.41 -12.90
CA THR A 162 20.05 -29.55 -12.14
C THR A 162 20.10 -28.12 -12.68
N MET A 163 20.19 -27.98 -14.00
CA MET A 163 20.23 -26.65 -14.62
C MET A 163 18.92 -25.89 -14.41
N THR A 164 17.81 -26.60 -14.54
CA THR A 164 16.48 -26.05 -14.28
C THR A 164 16.30 -25.71 -12.81
N ARG A 165 16.67 -26.65 -11.95
CA ARG A 165 16.54 -26.48 -10.50
C ARG A 165 17.22 -25.20 -10.03
N ASN A 166 18.45 -24.97 -10.49
CA ASN A 166 19.17 -23.74 -10.18
C ASN A 166 18.53 -22.53 -10.84
N ALA A 167 18.11 -22.68 -12.07
CA ALA A 167 17.47 -21.58 -12.79
C ALA A 167 16.25 -21.06 -12.04
N VAL A 168 15.26 -21.92 -11.86
CA VAL A 168 14.03 -21.51 -11.18
C VAL A 168 14.31 -20.96 -9.77
N TRP A 169 15.30 -21.55 -9.10
CA TRP A 169 15.65 -21.12 -7.75
C TRP A 169 16.16 -19.68 -7.80
N ALA A 170 16.97 -19.39 -8.81
CA ALA A 170 17.42 -18.02 -9.02
C ALA A 170 16.22 -17.09 -9.11
N LEU A 171 15.28 -17.40 -10.00
CA LEU A 171 14.08 -16.59 -10.17
C LEU A 171 13.37 -16.35 -8.84
N SER A 172 13.16 -17.42 -8.09
CA SER A 172 12.58 -17.32 -6.76
C SER A 172 13.28 -16.21 -5.98
N ASN A 173 14.60 -16.31 -5.84
CA ASN A 173 15.34 -15.30 -5.11
C ASN A 173 15.23 -13.90 -5.70
N LEU A 174 15.03 -13.82 -7.02
CA LEU A 174 14.84 -12.53 -7.67
C LEU A 174 13.44 -11.95 -7.44
N CYS A 175 12.50 -12.79 -7.02
CA CYS A 175 11.14 -12.33 -6.73
C CYS A 175 10.91 -12.09 -5.24
N ARG A 176 11.80 -12.63 -4.41
CA ARG A 176 11.63 -12.60 -2.96
C ARG A 176 11.92 -11.20 -2.41
N GLY A 177 11.15 -10.78 -1.41
CA GLY A 177 11.29 -9.45 -0.87
C GLY A 177 9.98 -8.72 -0.73
N LYS A 178 9.63 -8.38 0.49
CA LYS A 178 8.36 -7.75 0.79
C LYS A 178 8.59 -6.30 1.21
N SER A 179 9.81 -6.00 1.62
CA SER A 179 10.16 -4.64 2.05
C SER A 179 11.64 -4.35 1.90
N PRO A 180 12.01 -3.68 0.81
CA PRO A 180 11.06 -3.33 -0.25
C PRO A 180 10.93 -4.47 -1.24
N PRO A 181 9.78 -4.56 -1.91
CA PRO A 181 9.63 -5.52 -3.01
C PRO A 181 10.35 -4.98 -4.22
N PRO A 182 10.75 -5.87 -5.14
CA PRO A 182 11.41 -5.42 -6.36
C PRO A 182 10.44 -4.62 -7.22
N GLU A 183 10.97 -3.77 -8.10
CA GLU A 183 10.11 -3.11 -9.07
C GLU A 183 9.41 -4.23 -9.82
N PHE A 184 8.08 -4.26 -9.75
CA PHE A 184 7.33 -5.37 -10.31
C PHE A 184 7.68 -5.55 -11.78
N ALA A 185 7.89 -4.42 -12.46
CA ALA A 185 8.12 -4.43 -13.89
C ALA A 185 9.40 -5.19 -14.26
N LYS A 186 10.19 -5.52 -13.27
CA LYS A 186 11.48 -6.13 -13.50
C LYS A 186 11.44 -7.64 -13.30
N VAL A 187 10.40 -8.12 -12.65
CA VAL A 187 10.32 -9.54 -12.35
C VAL A 187 9.11 -10.20 -13.00
N SER A 188 8.17 -9.38 -13.43
CA SER A 188 6.98 -9.87 -14.12
C SER A 188 7.26 -10.61 -15.43
N PRO A 189 8.30 -10.20 -16.19
CA PRO A 189 8.58 -10.89 -17.45
C PRO A 189 8.86 -12.38 -17.27
N CYS A 190 8.96 -12.84 -16.03
CA CYS A 190 9.25 -14.24 -15.77
C CYS A 190 7.96 -15.02 -15.50
N LEU A 191 6.84 -14.30 -15.45
CA LEU A 191 5.56 -14.96 -15.15
C LEU A 191 5.24 -16.12 -16.09
N ASN A 192 5.39 -15.91 -17.39
CA ASN A 192 5.09 -16.97 -18.33
C ASN A 192 5.84 -18.26 -18.01
N VAL A 193 7.16 -18.16 -17.92
CA VAL A 193 7.99 -19.30 -17.58
C VAL A 193 7.52 -19.99 -16.31
N LEU A 194 7.23 -19.20 -15.28
CA LEU A 194 6.71 -19.75 -14.04
C LEU A 194 5.50 -20.67 -14.28
N SER A 195 4.46 -20.17 -14.93
CA SER A 195 3.23 -20.95 -15.13
C SER A 195 3.51 -22.24 -15.88
N TRP A 196 4.53 -22.21 -16.72
CA TRP A 196 4.96 -23.35 -17.50
C TRP A 196 5.57 -24.40 -16.57
N LEU A 197 6.33 -23.94 -15.58
CA LEU A 197 7.03 -24.81 -14.65
C LEU A 197 6.10 -25.52 -13.67
N LEU A 198 4.86 -25.04 -13.58
CA LEU A 198 3.89 -25.63 -12.66
C LEU A 198 3.39 -27.01 -13.15
N PHE A 199 3.86 -27.44 -14.32
CA PHE A 199 3.46 -28.74 -14.86
C PHE A 199 4.58 -29.76 -14.87
N VAL A 200 5.77 -29.33 -14.41
CA VAL A 200 6.91 -30.24 -14.24
C VAL A 200 6.64 -31.23 -13.11
N SER A 201 7.16 -32.44 -13.26
CA SER A 201 6.95 -33.47 -12.23
C SER A 201 7.79 -33.25 -10.97
N ASP A 202 9.01 -32.76 -11.17
CA ASP A 202 9.97 -32.59 -10.08
C ASP A 202 9.46 -31.65 -8.98
N THR A 203 9.52 -32.09 -7.73
CA THR A 203 8.95 -31.32 -6.62
C THR A 203 9.79 -30.10 -6.20
N ASP A 204 11.08 -30.10 -6.51
CA ASP A 204 11.91 -28.93 -6.24
C ASP A 204 11.59 -27.76 -7.19
N VAL A 205 11.59 -28.05 -8.50
CA VAL A 205 11.23 -27.05 -9.49
C VAL A 205 9.81 -26.57 -9.24
N LEU A 206 8.93 -27.51 -8.93
CA LEU A 206 7.55 -27.16 -8.63
C LEU A 206 7.46 -26.22 -7.44
N ALA A 207 8.08 -26.62 -6.33
CA ALA A 207 8.06 -25.81 -5.12
C ALA A 207 8.54 -24.39 -5.38
N ASP A 208 9.71 -24.25 -6.00
CA ASP A 208 10.31 -22.95 -6.23
C ASP A 208 9.51 -22.09 -7.21
N ALA A 209 8.88 -22.74 -8.17
CA ALA A 209 7.98 -22.05 -9.07
C ALA A 209 6.83 -21.43 -8.27
N CYS A 210 6.22 -22.22 -7.39
CA CYS A 210 5.16 -21.69 -6.54
C CYS A 210 5.65 -20.54 -5.69
N TRP A 211 6.84 -20.69 -5.11
CA TRP A 211 7.40 -19.66 -4.26
C TRP A 211 7.43 -18.34 -4.99
N ALA A 212 8.00 -18.34 -6.19
CA ALA A 212 8.05 -17.12 -6.99
C ALA A 212 6.66 -16.59 -7.25
N LEU A 213 5.73 -17.47 -7.58
CA LEU A 213 4.34 -17.06 -7.75
C LEU A 213 3.76 -16.57 -6.41
N SER A 214 4.11 -17.29 -5.35
CA SER A 214 3.74 -16.86 -4.00
C SER A 214 4.21 -15.42 -3.75
N TYR A 215 5.36 -15.06 -4.29
CA TYR A 215 5.91 -13.72 -4.04
C TYR A 215 5.24 -12.65 -4.87
N LEU A 216 5.11 -12.92 -6.16
CA LEU A 216 4.48 -11.97 -7.08
C LEU A 216 3.03 -11.65 -6.72
N SER A 217 2.31 -12.66 -6.23
CA SER A 217 0.89 -12.47 -5.88
C SER A 217 0.68 -11.75 -4.56
N ASP A 218 1.78 -11.39 -3.91
CA ASP A 218 1.72 -10.71 -2.61
C ASP A 218 1.83 -9.22 -2.82
N GLY A 219 0.71 -8.53 -2.71
CA GLY A 219 0.68 -7.09 -2.88
C GLY A 219 -0.64 -6.58 -3.39
N PRO A 220 -0.64 -5.39 -4.02
CA PRO A 220 -1.85 -4.70 -4.50
C PRO A 220 -2.56 -5.46 -5.62
N ASN A 221 -3.80 -5.05 -5.89
CA ASN A 221 -4.64 -5.75 -6.85
C ASN A 221 -4.10 -5.77 -8.28
N ASP A 222 -3.37 -4.72 -8.67
CA ASP A 222 -2.81 -4.65 -10.01
C ASP A 222 -1.76 -5.73 -10.20
N LYS A 223 -1.03 -6.03 -9.13
CA LYS A 223 -0.03 -7.09 -9.18
C LYS A 223 -0.70 -8.47 -9.22
N ILE A 224 -1.78 -8.61 -8.46
CA ILE A 224 -2.52 -9.87 -8.46
C ILE A 224 -3.07 -10.21 -9.86
N GLN A 225 -3.64 -9.21 -10.54
CA GLN A 225 -4.17 -9.41 -11.88
C GLN A 225 -3.11 -9.94 -12.83
N ALA A 226 -1.87 -9.46 -12.64
CA ALA A 226 -0.75 -9.91 -13.44
C ALA A 226 -0.55 -11.42 -13.31
N VAL A 227 -0.50 -11.90 -12.07
CA VAL A 227 -0.39 -13.33 -11.81
C VAL A 227 -1.57 -14.08 -12.44
N ILE A 228 -2.78 -13.67 -12.12
CA ILE A 228 -3.97 -14.26 -12.71
C ILE A 228 -3.88 -14.26 -14.23
N ASP A 229 -3.45 -13.13 -14.80
CA ASP A 229 -3.37 -13.01 -16.27
C ASP A 229 -2.38 -13.98 -16.88
N ALA A 230 -1.50 -14.55 -16.07
CA ALA A 230 -0.53 -15.51 -16.58
C ALA A 230 -1.13 -16.90 -16.73
N GLY A 231 -2.30 -17.10 -16.11
CA GLY A 231 -3.02 -18.36 -16.20
C GLY A 231 -2.50 -19.45 -15.28
N VAL A 232 -2.41 -19.13 -13.99
CA VAL A 232 -1.84 -20.06 -13.03
C VAL A 232 -2.86 -20.61 -12.05
N CYS A 233 -3.96 -19.89 -11.87
CA CYS A 233 -4.96 -20.26 -10.88
C CYS A 233 -5.37 -21.74 -10.94
N ARG A 234 -5.76 -22.20 -12.11
CA ARG A 234 -6.18 -23.58 -12.25
C ARG A 234 -5.12 -24.51 -11.67
N ARG A 235 -3.93 -24.47 -12.27
CA ARG A 235 -2.84 -25.34 -11.85
C ARG A 235 -2.50 -25.14 -10.36
N LEU A 236 -2.51 -23.89 -9.93
CA LEU A 236 -2.27 -23.55 -8.53
C LEU A 236 -3.28 -24.28 -7.63
N VAL A 237 -4.55 -24.10 -7.92
CA VAL A 237 -5.60 -24.80 -7.17
C VAL A 237 -5.42 -26.33 -7.25
N GLU A 238 -5.06 -26.83 -8.43
CA GLU A 238 -4.82 -28.25 -8.61
C GLU A 238 -3.72 -28.74 -7.68
N LEU A 239 -2.80 -27.86 -7.35
CA LEU A 239 -1.63 -28.22 -6.56
C LEU A 239 -1.92 -28.29 -5.07
N LEU A 240 -3.00 -27.67 -4.62
CA LEU A 240 -3.38 -27.80 -3.21
C LEU A 240 -3.62 -29.27 -2.83
N MET A 241 -3.81 -30.13 -3.81
CA MET A 241 -4.08 -31.54 -3.52
C MET A 241 -2.81 -32.36 -3.54
N HIS A 242 -1.69 -31.71 -3.82
CA HIS A 242 -0.40 -32.38 -3.87
C HIS A 242 -0.09 -33.02 -2.52
N ASN A 243 0.64 -34.12 -2.53
CA ASN A 243 0.92 -34.87 -1.30
C ASN A 243 2.01 -34.24 -0.44
N ASP A 244 3.01 -33.65 -1.09
CA ASP A 244 4.17 -33.09 -0.40
C ASP A 244 3.90 -31.70 0.18
N TYR A 245 4.14 -31.56 1.48
CA TYR A 245 3.88 -30.31 2.17
C TYR A 245 4.75 -29.15 1.69
N LYS A 246 5.82 -29.45 0.96
CA LYS A 246 6.75 -28.41 0.54
C LYS A 246 6.33 -27.75 -0.77
N VAL A 247 5.36 -28.37 -1.44
CA VAL A 247 4.78 -27.76 -2.62
C VAL A 247 3.34 -27.28 -2.34
N VAL A 248 2.68 -27.91 -1.38
CA VAL A 248 1.36 -27.48 -0.97
C VAL A 248 1.40 -26.17 -0.22
N SER A 249 2.45 -25.98 0.56
CA SER A 249 2.54 -24.77 1.38
C SER A 249 2.58 -23.50 0.54
N PRO A 250 3.55 -23.41 -0.40
CA PRO A 250 3.65 -22.20 -1.23
C PRO A 250 2.47 -22.04 -2.18
N ALA A 251 1.93 -23.14 -2.69
CA ALA A 251 0.77 -23.09 -3.58
C ALA A 251 -0.44 -22.51 -2.86
N LEU A 252 -0.70 -23.03 -1.67
CA LEU A 252 -1.76 -22.51 -0.81
C LEU A 252 -1.62 -21.01 -0.60
N ARG A 253 -0.42 -20.58 -0.21
CA ARG A 253 -0.18 -19.15 0.04
C ARG A 253 -0.44 -18.32 -1.22
N ALA A 254 0.05 -18.77 -2.37
CA ALA A 254 -0.20 -18.06 -3.62
C ALA A 254 -1.69 -17.98 -3.86
N VAL A 255 -2.37 -19.11 -3.77
CA VAL A 255 -3.81 -19.08 -3.89
C VAL A 255 -4.41 -18.10 -2.88
N GLY A 256 -4.12 -18.31 -1.61
CA GLY A 256 -4.56 -17.43 -0.54
C GLY A 256 -4.31 -15.96 -0.85
N ASN A 257 -3.13 -15.65 -1.37
CA ASN A 257 -2.79 -14.28 -1.72
C ASN A 257 -3.78 -13.72 -2.73
N ILE A 258 -4.02 -14.49 -3.79
CA ILE A 258 -4.87 -14.03 -4.88
C ILE A 258 -6.25 -13.64 -4.40
N VAL A 259 -6.82 -14.43 -3.51
CA VAL A 259 -8.12 -14.10 -2.95
C VAL A 259 -8.06 -12.97 -1.91
N THR A 260 -7.05 -12.09 -2.04
CA THR A 260 -7.05 -10.83 -1.28
C THR A 260 -7.42 -9.71 -2.22
N GLY A 261 -7.69 -10.06 -3.48
CA GLY A 261 -8.14 -9.09 -4.46
C GLY A 261 -9.64 -8.86 -4.38
N ASP A 262 -10.17 -8.11 -5.34
CA ASP A 262 -11.60 -7.82 -5.38
C ASP A 262 -12.44 -9.07 -5.63
N ASP A 263 -13.75 -8.94 -5.42
CA ASP A 263 -14.67 -10.07 -5.58
C ASP A 263 -14.48 -10.76 -6.92
N ILE A 264 -14.20 -9.98 -7.97
CA ILE A 264 -14.04 -10.54 -9.30
C ILE A 264 -12.78 -11.40 -9.40
N GLN A 265 -11.67 -10.92 -8.83
CA GLN A 265 -10.44 -11.70 -8.80
C GLN A 265 -10.59 -13.00 -8.00
N THR A 266 -11.21 -12.91 -6.83
CA THR A 266 -11.36 -14.08 -5.96
C THR A 266 -12.41 -15.05 -6.50
N GLN A 267 -13.28 -14.57 -7.39
CA GLN A 267 -14.20 -15.45 -8.06
C GLN A 267 -13.44 -16.36 -9.02
N VAL A 268 -12.34 -15.87 -9.58
CA VAL A 268 -11.53 -16.69 -10.48
C VAL A 268 -10.98 -17.91 -9.73
N ILE A 269 -10.53 -17.69 -8.50
CA ILE A 269 -10.11 -18.79 -7.65
C ILE A 269 -11.28 -19.70 -7.30
N LEU A 270 -12.42 -19.12 -6.96
CA LEU A 270 -13.62 -19.90 -6.68
C LEU A 270 -14.00 -20.78 -7.87
N ASN A 271 -13.99 -20.21 -9.07
CA ASN A 271 -14.36 -20.95 -10.27
C ASN A 271 -13.47 -22.15 -10.61
N CYS A 272 -12.34 -22.28 -9.91
CA CYS A 272 -11.44 -23.42 -10.10
C CYS A 272 -11.73 -24.55 -9.12
N SER A 273 -12.86 -24.46 -8.41
CA SER A 273 -13.23 -25.42 -7.38
C SER A 273 -12.14 -25.55 -6.32
N ALA A 274 -11.73 -24.42 -5.77
CA ALA A 274 -10.71 -24.41 -4.74
C ALA A 274 -11.31 -24.83 -3.41
N LEU A 275 -12.60 -24.56 -3.25
CA LEU A 275 -13.27 -24.74 -1.97
C LEU A 275 -13.21 -26.17 -1.44
N GLN A 276 -13.51 -27.15 -2.28
CA GLN A 276 -13.45 -28.54 -1.86
C GLN A 276 -12.01 -28.95 -1.53
N SER A 277 -11.05 -28.40 -2.26
CA SER A 277 -9.64 -28.61 -1.93
C SER A 277 -9.33 -28.03 -0.54
N LEU A 278 -9.74 -26.78 -0.34
CA LEU A 278 -9.57 -26.11 0.95
C LEU A 278 -10.18 -26.92 2.10
N LEU A 279 -11.42 -27.36 1.92
CA LEU A 279 -12.09 -28.22 2.88
C LEU A 279 -11.20 -29.40 3.27
N HIS A 280 -10.51 -29.96 2.28
CA HIS A 280 -9.61 -31.08 2.48
C HIS A 280 -8.44 -30.68 3.36
N LEU A 281 -7.92 -29.47 3.14
CA LEU A 281 -6.76 -29.00 3.87
C LEU A 281 -7.07 -28.62 5.32
N LEU A 282 -8.34 -28.40 5.62
CA LEU A 282 -8.74 -28.10 7.00
C LEU A 282 -8.62 -29.34 7.89
N SER A 283 -8.50 -30.51 7.27
CA SER A 283 -8.27 -31.74 8.02
C SER A 283 -6.79 -32.10 8.02
N SER A 284 -5.99 -31.34 7.27
CA SER A 284 -4.56 -31.60 7.19
C SER A 284 -3.88 -31.62 8.57
N PRO A 285 -2.99 -32.59 8.79
CA PRO A 285 -2.24 -32.70 10.06
C PRO A 285 -1.42 -31.45 10.35
N LYS A 286 -0.79 -30.89 9.33
CA LYS A 286 0.06 -29.72 9.49
C LYS A 286 -0.75 -28.49 9.87
N GLU A 287 -0.53 -27.99 11.08
CA GLU A 287 -1.25 -26.83 11.59
C GLU A 287 -1.07 -25.62 10.67
N SER A 288 0.14 -25.47 10.15
CA SER A 288 0.49 -24.40 9.23
C SER A 288 -0.47 -24.35 8.02
N ILE A 289 -0.85 -25.52 7.53
CA ILE A 289 -1.76 -25.61 6.39
C ILE A 289 -3.18 -25.24 6.81
N LYS A 290 -3.66 -25.83 7.89
CA LYS A 290 -4.96 -25.48 8.46
C LYS A 290 -5.11 -23.97 8.51
N LYS A 291 -4.29 -23.34 9.35
CA LYS A 291 -4.31 -21.89 9.52
C LYS A 291 -4.37 -21.18 8.17
N GLU A 292 -3.42 -21.49 7.30
CA GLU A 292 -3.38 -20.85 5.99
C GLU A 292 -4.67 -21.08 5.18
N ALA A 293 -5.27 -22.24 5.38
CA ALA A 293 -6.51 -22.56 4.69
C ALA A 293 -7.67 -21.73 5.23
N CYS A 294 -7.77 -21.62 6.55
CA CYS A 294 -8.80 -20.79 7.16
C CYS A 294 -8.64 -19.34 6.73
N TRP A 295 -7.41 -18.85 6.79
CA TRP A 295 -7.11 -17.50 6.36
C TRP A 295 -7.68 -17.25 4.98
N THR A 296 -7.38 -18.16 4.05
CA THR A 296 -7.89 -18.11 2.69
C THR A 296 -9.42 -18.07 2.68
N ILE A 297 -10.03 -19.09 3.27
CA ILE A 297 -11.48 -19.17 3.39
C ILE A 297 -12.06 -17.89 3.96
N SER A 298 -11.42 -17.39 5.01
CA SER A 298 -11.79 -16.10 5.61
C SER A 298 -11.92 -14.97 4.57
N ASN A 299 -10.95 -14.91 3.64
CA ASN A 299 -10.94 -13.84 2.65
C ASN A 299 -11.98 -14.05 1.57
N ILE A 300 -12.47 -15.28 1.45
CA ILE A 300 -13.59 -15.58 0.57
C ILE A 300 -14.93 -15.27 1.25
N THR A 301 -15.10 -15.70 2.50
CA THR A 301 -16.32 -15.38 3.23
C THR A 301 -16.42 -13.89 3.50
N ALA A 302 -15.43 -13.14 3.01
CA ALA A 302 -15.43 -11.69 3.15
C ALA A 302 -15.88 -11.04 1.87
N GLY A 303 -16.36 -11.85 0.93
CA GLY A 303 -16.84 -11.36 -0.34
C GLY A 303 -18.34 -11.16 -0.36
N ASN A 304 -18.95 -11.34 -1.53
CA ASN A 304 -20.37 -11.09 -1.70
C ASN A 304 -21.21 -12.26 -1.22
N ARG A 305 -22.51 -12.01 -1.06
CA ARG A 305 -23.43 -13.04 -0.60
C ARG A 305 -23.28 -14.37 -1.33
N ALA A 306 -23.19 -14.30 -2.65
CA ALA A 306 -23.09 -15.50 -3.49
C ALA A 306 -21.85 -16.32 -3.17
N GLN A 307 -20.73 -15.63 -2.99
CA GLN A 307 -19.48 -16.26 -2.60
C GLN A 307 -19.58 -16.91 -1.20
N ILE A 308 -20.18 -16.19 -0.27
CA ILE A 308 -20.45 -16.78 1.03
C ILE A 308 -21.26 -18.06 0.84
N GLN A 309 -22.29 -17.98 -0.01
CA GLN A 309 -23.16 -19.13 -0.24
C GLN A 309 -22.35 -20.30 -0.76
N THR A 310 -21.43 -20.02 -1.69
CA THR A 310 -20.58 -21.05 -2.26
C THR A 310 -19.78 -21.75 -1.17
N VAL A 311 -19.34 -20.98 -0.17
CA VAL A 311 -18.61 -21.56 0.96
C VAL A 311 -19.54 -22.49 1.73
N ILE A 312 -20.73 -22.01 2.08
CA ILE A 312 -21.71 -22.86 2.74
C ILE A 312 -21.88 -24.14 1.95
N ASP A 313 -22.24 -23.99 0.67
CA ASP A 313 -22.48 -25.12 -0.22
C ASP A 313 -21.30 -26.09 -0.28
N ALA A 314 -20.08 -25.57 -0.19
CA ALA A 314 -18.90 -26.43 -0.17
C ALA A 314 -18.86 -27.27 1.10
N ASN A 315 -19.81 -27.01 1.99
CA ASN A 315 -19.95 -27.74 3.26
C ASN A 315 -18.77 -27.50 4.20
N ILE A 316 -18.31 -26.25 4.22
CA ILE A 316 -17.07 -25.89 4.86
C ILE A 316 -17.25 -25.48 6.32
N PHE A 317 -18.36 -24.81 6.61
CA PHE A 317 -18.59 -24.31 7.96
C PHE A 317 -18.63 -25.37 9.06
N PRO A 318 -19.08 -26.59 8.73
CA PRO A 318 -18.99 -27.64 9.75
C PRO A 318 -17.54 -27.79 10.23
N ALA A 319 -16.60 -27.72 9.29
CA ALA A 319 -15.20 -27.93 9.59
C ALA A 319 -14.59 -26.73 10.32
N LEU A 320 -15.06 -25.52 10.00
CA LEU A 320 -14.54 -24.32 10.63
C LEU A 320 -14.90 -24.29 12.11
N ILE A 321 -16.05 -24.84 12.45
CA ILE A 321 -16.49 -24.85 13.83
C ILE A 321 -15.67 -25.86 14.65
N SER A 322 -15.47 -27.04 14.09
CA SER A 322 -14.68 -28.05 14.76
C SER A 322 -13.24 -27.55 14.90
N ILE A 323 -12.80 -26.74 13.94
CA ILE A 323 -11.47 -26.15 14.02
C ILE A 323 -11.39 -25.14 15.18
N LEU A 324 -12.52 -24.53 15.50
CA LEU A 324 -12.58 -23.56 16.58
C LEU A 324 -12.59 -24.22 17.95
N GLN A 325 -12.60 -25.55 17.95
CA GLN A 325 -12.68 -26.30 19.20
C GLN A 325 -11.50 -27.23 19.38
N THR A 326 -10.90 -27.68 18.28
CA THR A 326 -9.79 -28.62 18.33
C THR A 326 -8.44 -27.95 18.04
N ALA A 327 -8.38 -27.24 16.91
CA ALA A 327 -7.13 -26.69 16.41
C ALA A 327 -6.44 -25.75 17.40
N GLU A 328 -5.20 -25.38 17.09
CA GLU A 328 -4.41 -24.45 17.88
C GLU A 328 -4.95 -23.04 17.83
N PHE A 329 -4.60 -22.22 18.82
CA PHE A 329 -5.11 -20.86 18.94
C PHE A 329 -4.82 -20.00 17.72
N ARG A 330 -3.58 -20.02 17.24
CA ARG A 330 -3.22 -19.14 16.14
C ARG A 330 -3.99 -19.51 14.87
N THR A 331 -4.44 -20.75 14.80
CA THR A 331 -5.28 -21.20 13.71
C THR A 331 -6.72 -20.75 13.93
N ARG A 332 -7.19 -20.92 15.16
CA ARG A 332 -8.54 -20.54 15.52
C ARG A 332 -8.81 -19.07 15.18
N LYS A 333 -7.81 -18.22 15.40
CA LYS A 333 -7.95 -16.80 15.08
C LYS A 333 -8.46 -16.64 13.66
N GLU A 334 -7.88 -17.40 12.74
CA GLU A 334 -8.27 -17.32 11.33
C GLU A 334 -9.71 -17.79 11.12
N ALA A 335 -10.05 -18.92 11.74
CA ALA A 335 -11.38 -19.49 11.60
C ALA A 335 -12.45 -18.53 12.13
N ALA A 336 -12.12 -17.84 13.21
CA ALA A 336 -13.05 -16.88 13.80
C ALA A 336 -13.36 -15.78 12.79
N TRP A 337 -12.33 -15.39 12.05
CA TRP A 337 -12.50 -14.37 11.02
C TRP A 337 -13.48 -14.85 9.95
N ALA A 338 -13.31 -16.09 9.51
CA ALA A 338 -14.17 -16.64 8.48
C ALA A 338 -15.65 -16.50 8.86
N ILE A 339 -15.97 -16.94 10.08
CA ILE A 339 -17.34 -16.88 10.60
C ILE A 339 -17.88 -15.46 10.66
N THR A 340 -17.16 -14.59 11.37
CA THR A 340 -17.59 -13.21 11.54
C THR A 340 -17.76 -12.55 10.19
N ASN A 341 -16.87 -12.87 9.25
CA ASN A 341 -16.96 -12.29 7.93
C ASN A 341 -18.29 -12.69 7.31
N ALA A 342 -18.61 -13.97 7.38
CA ALA A 342 -19.89 -14.45 6.92
C ALA A 342 -21.04 -13.70 7.62
N THR A 343 -20.95 -13.55 8.93
CA THR A 343 -22.05 -12.96 9.69
C THR A 343 -22.35 -11.53 9.28
N SER A 344 -21.37 -10.81 8.77
CA SER A 344 -21.60 -9.41 8.39
C SER A 344 -21.99 -9.20 6.91
N GLY A 345 -21.71 -10.18 6.07
CA GLY A 345 -22.04 -10.07 4.65
C GLY A 345 -23.15 -11.03 4.27
N GLY A 346 -23.49 -11.93 5.20
CA GLY A 346 -24.49 -12.96 4.96
C GLY A 346 -25.93 -12.51 5.12
N SER A 347 -26.85 -13.32 4.61
CA SER A 347 -28.27 -13.01 4.69
C SER A 347 -28.85 -13.55 5.98
N ALA A 348 -30.05 -13.08 6.32
CA ALA A 348 -30.78 -13.60 7.47
C ALA A 348 -30.75 -15.13 7.45
N GLU A 349 -31.09 -15.70 6.30
CA GLU A 349 -31.14 -17.15 6.16
C GLU A 349 -29.77 -17.78 6.32
N GLN A 350 -28.75 -17.08 5.85
CA GLN A 350 -27.37 -17.56 5.98
C GLN A 350 -26.90 -17.58 7.42
N ILE A 351 -27.10 -16.48 8.14
CA ILE A 351 -26.71 -16.39 9.54
C ILE A 351 -27.43 -17.46 10.36
N LYS A 352 -28.76 -17.48 10.25
CA LYS A 352 -29.59 -18.52 10.85
C LYS A 352 -28.90 -19.88 10.74
N TYR A 353 -28.33 -20.16 9.57
CA TYR A 353 -27.66 -21.43 9.31
C TYR A 353 -26.39 -21.61 10.16
N LEU A 354 -25.53 -20.61 10.18
CA LEU A 354 -24.32 -20.69 10.98
C LEU A 354 -24.67 -20.93 12.45
N VAL A 355 -25.68 -20.22 12.92
CA VAL A 355 -26.13 -20.35 14.31
C VAL A 355 -26.64 -21.75 14.55
N GLU A 356 -27.34 -22.29 13.56
CA GLU A 356 -27.86 -23.66 13.64
C GLU A 356 -26.72 -24.64 13.90
N LEU A 357 -25.58 -24.42 13.27
CA LEU A 357 -24.42 -25.28 13.50
C LEU A 357 -23.75 -24.97 14.84
N GLY A 358 -24.29 -24.01 15.58
CA GLY A 358 -23.76 -23.67 16.89
C GLY A 358 -22.46 -22.91 16.86
N CYS A 359 -22.47 -21.77 16.17
CA CYS A 359 -21.27 -20.97 16.02
C CYS A 359 -21.23 -19.88 17.09
N ILE A 360 -22.31 -19.75 17.84
CA ILE A 360 -22.36 -18.76 18.91
C ILE A 360 -21.36 -19.11 20.01
N LYS A 361 -21.34 -20.40 20.38
CA LYS A 361 -20.46 -20.89 21.42
C LYS A 361 -18.98 -20.59 21.17
N PRO A 362 -18.43 -21.03 20.01
CA PRO A 362 -17.00 -20.80 19.71
C PRO A 362 -16.63 -19.32 19.74
N LEU A 363 -17.54 -18.47 19.28
CA LEU A 363 -17.31 -17.03 19.29
C LEU A 363 -17.23 -16.50 20.71
N CYS A 364 -18.16 -16.95 21.55
CA CYS A 364 -18.22 -16.55 22.95
C CYS A 364 -16.90 -16.79 23.68
N ASP A 365 -16.37 -17.99 23.55
CA ASP A 365 -15.13 -18.38 24.21
C ASP A 365 -13.89 -17.55 23.80
N LEU A 366 -14.04 -16.70 22.79
CA LEU A 366 -12.94 -15.86 22.32
C LEU A 366 -13.07 -14.43 22.81
N LEU A 367 -14.11 -14.17 23.59
CA LEU A 367 -14.40 -12.83 24.08
C LEU A 367 -13.35 -12.33 25.09
N THR A 368 -12.77 -13.26 25.84
CA THR A 368 -11.88 -12.91 26.93
C THR A 368 -10.41 -13.15 26.61
N VAL A 369 -10.08 -13.15 25.33
CA VAL A 369 -8.74 -13.44 24.86
C VAL A 369 -7.75 -12.26 25.00
N MET A 370 -6.46 -12.58 25.01
CA MET A 370 -5.41 -11.56 25.08
C MET A 370 -5.42 -10.61 23.90
N ASP A 371 -5.42 -11.18 22.69
CA ASP A 371 -5.47 -10.39 21.47
C ASP A 371 -6.71 -9.49 21.42
N SER A 372 -6.51 -8.20 21.64
CA SER A 372 -7.61 -7.23 21.61
C SER A 372 -8.38 -7.32 20.30
N LYS A 373 -7.72 -7.79 19.25
CA LYS A 373 -8.31 -7.88 17.93
C LYS A 373 -9.34 -8.98 17.81
N ILE A 374 -8.98 -10.19 18.23
CA ILE A 374 -9.88 -11.32 18.11
C ILE A 374 -11.13 -11.10 18.96
N VAL A 375 -10.96 -10.38 20.06
CA VAL A 375 -12.07 -9.98 20.90
C VAL A 375 -13.10 -9.22 20.05
N GLN A 376 -12.62 -8.22 19.31
CA GLN A 376 -13.49 -7.41 18.45
C GLN A 376 -14.17 -8.26 17.40
N VAL A 377 -13.41 -9.17 16.81
CA VAL A 377 -13.96 -10.12 15.86
C VAL A 377 -15.12 -10.91 16.47
N ALA A 378 -14.95 -11.35 17.71
CA ALA A 378 -15.95 -12.14 18.39
C ALA A 378 -17.15 -11.28 18.72
N LEU A 379 -16.90 -10.05 19.16
CA LEU A 379 -17.98 -9.11 19.42
C LEU A 379 -18.76 -8.76 18.16
N ASN A 380 -18.04 -8.56 17.07
CA ASN A 380 -18.67 -8.26 15.78
C ASN A 380 -19.57 -9.39 15.30
N GLY A 381 -19.15 -10.63 15.50
CA GLY A 381 -19.94 -11.76 15.08
C GLY A 381 -21.21 -11.87 15.89
N LEU A 382 -21.06 -11.75 17.20
CA LEU A 382 -22.19 -11.90 18.10
C LEU A 382 -23.19 -10.77 17.92
N GLU A 383 -22.70 -9.58 17.60
CA GLU A 383 -23.59 -8.46 17.35
C GLU A 383 -24.44 -8.73 16.10
N ASN A 384 -23.79 -9.03 14.98
CA ASN A 384 -24.50 -9.30 13.73
C ASN A 384 -25.65 -10.29 13.94
N ILE A 385 -25.34 -11.38 14.63
CA ILE A 385 -26.31 -12.41 14.94
C ILE A 385 -27.48 -11.82 15.72
N LEU A 386 -27.18 -11.19 16.86
CA LEU A 386 -28.19 -10.49 17.64
C LEU A 386 -29.05 -9.55 16.80
N ARG A 387 -28.43 -8.83 15.88
CA ARG A 387 -29.14 -7.97 14.94
C ARG A 387 -30.21 -8.73 14.16
N LEU A 388 -29.94 -9.99 13.85
CA LEU A 388 -30.91 -10.85 13.19
C LEU A 388 -32.03 -11.21 14.15
N GLY A 389 -31.67 -11.83 15.28
CA GLY A 389 -32.64 -12.21 16.28
C GLY A 389 -33.53 -11.05 16.69
N GLU A 390 -33.01 -9.84 16.53
CA GLU A 390 -33.76 -8.62 16.82
C GLU A 390 -34.83 -8.47 15.75
N GLN A 391 -34.51 -8.91 14.55
CA GLN A 391 -35.46 -8.92 13.45
C GLN A 391 -36.52 -9.98 13.68
N GLU A 392 -36.09 -11.24 13.79
CA GLU A 392 -37.01 -12.35 13.97
C GLU A 392 -37.98 -12.09 15.13
N ALA A 393 -37.58 -11.22 16.05
CA ALA A 393 -38.42 -10.88 17.19
C ALA A 393 -39.75 -10.28 16.78
N LYS A 394 -39.70 -9.14 16.09
CA LYS A 394 -40.89 -8.40 15.71
C LYS A 394 -41.77 -9.13 14.69
N ARG A 395 -41.11 -9.79 13.74
CA ARG A 395 -41.80 -10.40 12.62
C ARG A 395 -42.54 -11.68 13.03
N ASN A 396 -42.37 -12.06 14.29
CA ASN A 396 -43.07 -13.20 14.86
C ASN A 396 -42.91 -13.32 16.37
N GLY A 397 -44.03 -13.50 17.07
CA GLY A 397 -44.00 -13.63 18.51
C GLY A 397 -45.06 -12.80 19.20
N THR A 398 -45.03 -12.73 20.54
CA THR A 398 -43.97 -13.32 21.37
C THR A 398 -42.57 -12.98 20.85
N GLY A 399 -42.40 -11.72 20.49
CA GLY A 399 -41.17 -11.27 19.86
C GLY A 399 -40.03 -11.00 20.82
N ILE A 400 -39.36 -12.07 21.20
CA ILE A 400 -38.17 -11.96 22.04
C ILE A 400 -36.99 -12.55 21.26
N ASN A 401 -35.87 -11.84 21.27
CA ASN A 401 -34.73 -12.30 20.49
C ASN A 401 -34.35 -13.72 20.86
N PRO A 402 -34.41 -14.63 19.88
CA PRO A 402 -34.11 -16.06 20.09
C PRO A 402 -32.65 -16.32 20.42
N TYR A 403 -31.78 -15.37 20.08
CA TYR A 403 -30.35 -15.63 20.07
C TYR A 403 -29.62 -15.22 21.34
N CYS A 404 -30.07 -14.15 22.00
CA CYS A 404 -29.38 -13.72 23.20
C CYS A 404 -29.57 -14.71 24.35
N ALA A 405 -30.55 -15.61 24.21
CA ALA A 405 -30.70 -16.70 25.16
C ALA A 405 -29.62 -17.76 24.89
N LEU A 406 -29.41 -18.09 23.62
CA LEU A 406 -28.38 -19.04 23.22
C LEU A 406 -27.00 -18.53 23.59
N ILE A 407 -26.86 -17.20 23.59
CA ILE A 407 -25.62 -16.55 23.97
C ILE A 407 -25.44 -16.60 25.48
N GLU A 408 -26.53 -16.38 26.19
CA GLU A 408 -26.51 -16.41 27.65
C GLU A 408 -26.09 -17.78 28.12
N GLU A 409 -26.60 -18.82 27.48
CA GLU A 409 -26.28 -20.18 27.89
C GLU A 409 -24.92 -20.66 27.38
N ALA A 410 -24.25 -19.84 26.57
CA ALA A 410 -22.89 -20.14 26.13
C ALA A 410 -21.86 -19.35 26.94
N TYR A 411 -22.34 -18.75 28.04
CA TYR A 411 -21.52 -17.92 28.92
C TYR A 411 -20.99 -16.65 28.24
N GLY A 412 -21.56 -16.31 27.10
CA GLY A 412 -21.16 -15.10 26.40
C GLY A 412 -21.61 -13.86 27.13
N LEU A 413 -22.80 -13.91 27.70
CA LEU A 413 -23.33 -12.76 28.43
C LEU A 413 -22.44 -12.41 29.61
N ASP A 414 -21.93 -13.44 30.28
CA ASP A 414 -20.98 -13.24 31.37
C ASP A 414 -19.75 -12.52 30.85
N LYS A 415 -19.23 -13.00 29.72
CA LYS A 415 -18.02 -12.43 29.14
C LYS A 415 -18.23 -11.01 28.63
N ILE A 416 -19.37 -10.76 28.00
CA ILE A 416 -19.67 -9.40 27.54
C ILE A 416 -19.74 -8.43 28.71
N GLU A 417 -20.33 -8.87 29.82
CA GLU A 417 -20.33 -8.09 31.05
C GLU A 417 -18.90 -7.77 31.50
N PHE A 418 -18.10 -8.82 31.68
CA PHE A 418 -16.70 -8.65 32.06
C PHE A 418 -16.01 -7.62 31.17
N LEU A 419 -16.23 -7.72 29.86
CA LEU A 419 -15.49 -6.92 28.89
C LEU A 419 -15.68 -5.43 29.15
N GLN A 420 -16.68 -5.08 29.95
CA GLN A 420 -16.86 -3.71 30.38
C GLN A 420 -15.73 -3.25 31.28
N SER A 421 -14.69 -4.08 31.38
CA SER A 421 -13.51 -3.74 32.17
C SER A 421 -12.25 -3.72 31.31
N HIS A 422 -12.42 -3.96 30.01
CA HIS A 422 -11.31 -4.01 29.06
C HIS A 422 -10.56 -2.67 29.03
N GLU A 423 -9.25 -2.75 28.84
CA GLU A 423 -8.43 -1.57 28.67
C GLU A 423 -8.94 -0.68 27.54
N ASN A 424 -9.19 -1.29 26.39
CA ASN A 424 -9.68 -0.56 25.23
C ASN A 424 -11.07 0.03 25.46
N GLN A 425 -11.17 1.34 25.31
CA GLN A 425 -12.42 2.07 25.51
C GLN A 425 -13.52 1.57 24.57
N GLU A 426 -13.23 1.58 23.27
CA GLU A 426 -14.21 1.18 22.27
C GLU A 426 -14.83 -0.17 22.59
N ILE A 427 -14.02 -1.10 23.08
CA ILE A 427 -14.51 -2.42 23.43
C ILE A 427 -15.43 -2.36 24.64
N TYR A 428 -15.01 -1.61 25.64
CA TYR A 428 -15.87 -1.38 26.80
C TYR A 428 -17.23 -0.90 26.36
N GLN A 429 -17.25 0.09 25.48
CA GLN A 429 -18.48 0.71 25.04
C GLN A 429 -19.36 -0.27 24.27
N LYS A 430 -18.73 -1.09 23.44
CA LYS A 430 -19.49 -2.07 22.67
C LYS A 430 -20.24 -3.00 23.62
N ALA A 431 -19.52 -3.59 24.55
CA ALA A 431 -20.09 -4.48 25.55
C ALA A 431 -21.23 -3.80 26.29
N PHE A 432 -21.01 -2.52 26.62
CA PHE A 432 -22.00 -1.72 27.31
C PHE A 432 -23.24 -1.57 26.44
N ASP A 433 -23.02 -1.26 25.17
CA ASP A 433 -24.12 -1.09 24.22
C ASP A 433 -24.89 -2.40 24.00
N LEU A 434 -24.18 -3.47 23.64
CA LEU A 434 -24.81 -4.76 23.43
C LEU A 434 -25.74 -5.15 24.57
N ILE A 435 -25.28 -4.94 25.80
CA ILE A 435 -26.08 -5.29 26.97
C ILE A 435 -27.34 -4.44 27.02
N GLU A 436 -27.17 -3.13 27.18
CA GLU A 436 -28.28 -2.19 27.22
C GLU A 436 -29.23 -2.38 26.05
N HIS A 437 -28.71 -2.94 24.96
CA HIS A 437 -29.47 -3.06 23.73
C HIS A 437 -30.32 -4.33 23.73
N TYR A 438 -29.65 -5.48 23.82
CA TYR A 438 -30.29 -6.76 23.50
C TYR A 438 -30.69 -7.51 24.77
N PHE A 439 -30.23 -7.02 25.92
CA PHE A 439 -30.51 -7.67 27.18
C PHE A 439 -31.12 -6.70 28.19
N GLY A 440 -30.37 -5.65 28.52
CA GLY A 440 -30.83 -4.66 29.48
C GLY A 440 -30.16 -4.83 30.83
N THR A 441 -30.07 -3.74 31.58
CA THR A 441 -29.43 -3.77 32.90
C THR A 441 -30.12 -2.80 33.86
N GLU A 442 -31.19 -3.27 34.49
CA GLU A 442 -31.92 -2.45 35.45
C GLU A 442 -31.55 -0.98 35.32
N PRO B 2 -22.18 -2.31 5.89
CA PRO B 2 -22.37 -3.60 5.22
C PRO B 2 -22.61 -3.40 3.73
N LEU B 3 -21.92 -2.44 3.13
CA LEU B 3 -22.01 -2.19 1.69
C LEU B 3 -20.77 -1.43 1.21
N GLY B 4 -19.73 -2.15 0.82
CA GLY B 4 -18.57 -1.53 0.22
C GLY B 4 -17.37 -1.38 1.13
N SER B 5 -17.38 -2.05 2.28
CA SER B 5 -16.18 -2.19 3.10
C SER B 5 -15.14 -3.14 2.51
N MET B 6 -13.92 -3.09 3.04
CA MET B 6 -12.83 -3.94 2.59
C MET B 6 -12.52 -4.97 3.66
N ALA B 7 -13.20 -6.11 3.59
CA ALA B 7 -13.07 -7.15 4.60
C ALA B 7 -11.82 -8.01 4.39
N LYS B 8 -11.08 -7.72 3.31
CA LYS B 8 -9.92 -8.52 2.93
C LYS B 8 -8.73 -8.31 3.86
N ARG B 9 -7.99 -9.38 4.15
CA ARG B 9 -6.83 -9.32 5.04
C ARG B 9 -5.56 -9.95 4.45
N ASN B 10 -4.58 -9.12 4.11
CA ASN B 10 -3.29 -9.61 3.64
C ASN B 10 -2.63 -10.50 4.70
N ALA B 11 -1.73 -11.38 4.26
CA ALA B 11 -1.01 -12.25 5.18
C ALA B 11 -0.06 -11.42 6.06
N GLU B 12 0.10 -11.86 7.32
CA GLU B 12 0.95 -11.13 8.27
C GLU B 12 2.43 -11.22 7.91
N LYS B 13 3.00 -12.41 8.09
CA LYS B 13 4.41 -12.63 7.77
C LYS B 13 4.58 -13.18 6.37
N GLU B 14 5.76 -12.96 5.79
CA GLU B 14 6.05 -13.48 4.47
C GLU B 14 6.54 -14.91 4.62
N LEU B 15 6.16 -15.76 3.69
CA LEU B 15 6.54 -17.16 3.71
C LEU B 15 7.57 -17.38 2.61
N THR B 16 8.66 -18.08 2.93
CA THR B 16 9.71 -18.30 1.95
C THR B 16 10.18 -19.75 1.95
N ASP B 17 11.06 -20.06 1.00
CA ASP B 17 11.62 -21.41 0.86
C ASP B 17 12.52 -21.77 2.04
N ARG B 18 12.86 -20.78 2.86
CA ARG B 18 13.81 -20.97 3.95
C ARG B 18 13.20 -20.56 5.28
N ASN B 19 11.96 -21.00 5.52
CA ASN B 19 11.07 -20.29 6.43
C ASN B 19 9.79 -21.07 6.70
N TRP B 20 9.26 -21.70 5.67
CA TRP B 20 7.91 -22.27 5.72
C TRP B 20 7.72 -23.29 6.85
N ASP B 21 8.68 -24.19 7.02
CA ASP B 21 8.52 -25.24 8.05
C ASP B 21 9.41 -24.99 9.26
N GLN B 22 8.93 -24.17 10.19
CA GLN B 22 9.69 -23.87 11.39
C GLN B 22 8.89 -24.20 12.64
N GLU B 23 7.58 -24.35 12.47
CA GLU B 23 6.67 -24.45 13.61
C GLU B 23 7.08 -23.35 14.57
N ASP B 24 6.46 -22.18 14.40
CA ASP B 24 6.92 -20.96 15.01
C ASP B 24 6.98 -21.03 16.51
N GLU B 25 6.25 -20.13 17.16
CA GLU B 25 6.09 -20.22 18.59
C GLU B 25 4.86 -21.05 18.88
N ALA B 26 4.13 -20.67 19.92
CA ALA B 26 2.85 -21.28 20.24
C ALA B 26 2.03 -20.25 21.00
N GLU B 27 0.89 -19.88 20.43
CA GLU B 27 0.07 -18.78 20.94
C GLU B 27 -0.42 -18.92 22.36
N GLU B 28 -0.32 -17.84 23.12
CA GLU B 28 -0.88 -17.80 24.46
C GLU B 28 -2.26 -17.13 24.45
N VAL B 29 -3.30 -17.95 24.58
CA VAL B 29 -4.69 -17.46 24.62
C VAL B 29 -4.83 -16.27 25.58
N GLY B 30 -4.48 -16.50 26.83
CA GLY B 30 -4.44 -15.45 27.84
C GLY B 30 -5.78 -14.81 28.18
N THR B 31 -5.71 -13.73 28.94
CA THR B 31 -6.88 -12.98 29.36
C THR B 31 -6.74 -11.57 28.79
N PHE B 32 -7.86 -10.93 28.44
CA PHE B 32 -7.79 -9.59 27.88
C PHE B 32 -7.23 -8.61 28.92
N SER B 33 -6.52 -7.59 28.43
CA SER B 33 -5.93 -6.60 29.33
C SER B 33 -7.01 -5.77 29.99
N MET B 34 -7.02 -5.76 31.32
CA MET B 34 -8.03 -5.04 32.09
C MET B 34 -7.71 -3.56 32.12
N ALA B 35 -8.70 -2.75 32.46
CA ALA B 35 -8.49 -1.31 32.57
C ALA B 35 -8.01 -0.95 33.97
N SER B 36 -7.39 0.21 34.09
CA SER B 36 -6.84 0.67 35.34
C SER B 36 -7.96 0.95 36.36
N GLU B 37 -7.77 0.43 37.56
CA GLU B 37 -8.66 0.66 38.69
C GLU B 37 -9.40 2.00 38.56
N GLU B 38 -8.64 3.06 38.37
CA GLU B 38 -9.19 4.41 38.29
C GLU B 38 -10.22 4.53 37.18
N VAL B 39 -9.87 4.07 35.98
CA VAL B 39 -10.79 4.11 34.86
C VAL B 39 -12.00 3.21 35.11
N LEU B 40 -11.76 2.06 35.73
CA LEU B 40 -12.81 1.08 36.00
C LEU B 40 -13.99 1.66 36.79
N LYS B 41 -13.67 2.43 37.83
CA LYS B 41 -14.70 3.08 38.64
C LYS B 41 -15.32 4.23 37.86
N ASN B 42 -14.47 4.94 37.12
CA ASN B 42 -14.88 6.09 36.33
C ASN B 42 -16.13 5.78 35.50
N ARG B 43 -16.00 4.83 34.58
CA ARG B 43 -17.08 4.44 33.69
C ARG B 43 -18.21 3.71 34.40
N ALA B 44 -19.40 3.80 33.83
CA ALA B 44 -20.57 3.15 34.41
C ALA B 44 -20.76 1.78 33.79
N ILE B 45 -20.95 0.77 34.65
CA ILE B 45 -21.12 -0.60 34.18
C ILE B 45 -22.60 -0.99 34.14
N LYS B 46 -22.90 -2.17 33.61
CA LYS B 46 -24.27 -2.65 33.57
C LYS B 46 -24.37 -4.12 33.95
N LYS B 47 -25.51 -4.49 34.53
CA LYS B 47 -25.77 -5.88 34.87
C LYS B 47 -26.90 -6.44 34.00
N ALA B 48 -26.52 -7.23 33.00
CA ALA B 48 -27.47 -7.76 32.04
C ALA B 48 -28.67 -8.43 32.71
N LYS B 49 -29.86 -8.05 32.27
CA LYS B 49 -31.09 -8.70 32.72
C LYS B 49 -31.16 -10.12 32.20
N ARG B 50 -31.24 -11.08 33.12
CA ARG B 50 -31.13 -12.49 32.76
C ARG B 50 -32.50 -13.17 32.75
N ARG B 51 -32.53 -14.42 32.32
CA ARG B 51 -33.77 -15.18 32.27
C ARG B 51 -33.52 -16.65 31.93
N ASN B 52 -33.16 -16.90 30.68
CA ASN B 52 -33.22 -18.25 30.13
C ASN B 52 -31.93 -18.62 29.42
N VAL C 17 20.33 29.83 -38.00
CA VAL C 17 20.38 30.71 -36.84
C VAL C 17 21.67 30.52 -36.06
N ILE C 18 22.33 29.38 -36.28
CA ILE C 18 23.60 29.07 -35.63
C ILE C 18 24.74 29.06 -36.64
N THR C 19 25.72 29.91 -36.41
CA THR C 19 26.82 30.11 -37.35
C THR C 19 28.04 29.23 -37.03
N SER C 20 28.93 29.12 -38.01
CA SER C 20 30.18 28.39 -37.82
C SER C 20 31.09 29.17 -36.90
N ASP C 21 31.01 30.50 -36.99
CA ASP C 21 31.77 31.37 -36.11
C ASP C 21 31.51 30.98 -34.65
N MET C 22 30.24 30.88 -34.29
CA MET C 22 29.87 30.55 -32.92
C MET C 22 30.46 29.20 -32.53
N ILE C 23 30.53 28.30 -33.50
CA ILE C 23 31.07 26.96 -33.27
C ILE C 23 32.59 26.99 -33.14
N GLU C 24 33.24 27.75 -34.00
CA GLU C 24 34.69 27.85 -33.99
C GLU C 24 35.17 28.46 -32.67
N MET C 25 34.51 29.53 -32.25
CA MET C 25 34.84 30.18 -30.99
C MET C 25 34.65 29.24 -29.81
N ILE C 26 33.55 28.48 -29.83
CA ILE C 26 33.28 27.54 -28.75
C ILE C 26 34.44 26.57 -28.57
N PHE C 27 34.97 26.07 -29.68
CA PHE C 27 35.98 25.02 -29.63
C PHE C 27 37.42 25.53 -29.53
N SER C 28 37.63 26.82 -29.77
CA SER C 28 38.95 27.41 -29.67
C SER C 28 39.48 27.38 -28.23
N LYS C 29 40.70 27.85 -28.04
CA LYS C 29 41.36 27.77 -26.74
C LYS C 29 41.50 29.10 -25.99
N SER C 30 40.75 30.12 -26.41
CA SER C 30 40.74 31.40 -25.70
C SER C 30 39.42 31.58 -24.96
N PRO C 31 39.49 31.62 -23.62
CA PRO C 31 38.32 31.73 -22.74
C PRO C 31 37.45 32.95 -23.05
N GLU C 32 37.87 33.74 -24.03
CA GLU C 32 37.13 34.94 -24.41
C GLU C 32 36.15 34.66 -25.54
N GLN C 33 36.63 34.00 -26.59
CA GLN C 33 35.76 33.62 -27.68
C GLN C 33 34.77 32.58 -27.18
N GLN C 34 35.23 31.71 -26.30
CA GLN C 34 34.39 30.70 -25.70
C GLN C 34 33.16 31.30 -25.03
N LEU C 35 33.40 32.26 -24.12
CA LEU C 35 32.32 32.93 -23.42
C LEU C 35 31.39 33.69 -24.37
N SER C 36 31.96 34.51 -25.25
CA SER C 36 31.17 35.31 -26.18
C SER C 36 30.26 34.42 -27.00
N ALA C 37 30.76 33.26 -27.41
CA ALA C 37 29.95 32.29 -28.14
C ALA C 37 28.84 31.78 -27.25
N THR C 38 29.22 31.22 -26.11
CA THR C 38 28.26 30.64 -25.18
C THR C 38 27.08 31.56 -24.95
N GLN C 39 27.35 32.85 -24.83
CA GLN C 39 26.30 33.84 -24.62
C GLN C 39 25.31 33.89 -25.79
N LYS C 40 25.83 34.00 -27.01
CA LYS C 40 24.97 33.97 -28.19
C LYS C 40 24.05 32.76 -28.13
N PHE C 41 24.61 31.61 -27.76
CA PHE C 41 23.81 30.41 -27.63
C PHE C 41 22.61 30.63 -26.72
N ARG C 42 22.87 30.92 -25.45
CA ARG C 42 21.79 31.00 -24.46
C ARG C 42 20.73 32.05 -24.83
N LYS C 43 21.18 33.16 -25.39
CA LYS C 43 20.27 34.24 -25.75
C LYS C 43 19.29 33.78 -26.82
N LEU C 44 19.82 33.01 -27.78
CA LEU C 44 19.00 32.37 -28.80
C LEU C 44 18.10 31.31 -28.18
N LEU C 45 18.68 30.43 -27.38
CA LEU C 45 17.92 29.41 -26.67
C LEU C 45 16.92 29.99 -25.66
N SER C 46 17.00 31.29 -25.44
CA SER C 46 16.09 31.97 -24.50
C SER C 46 14.83 32.51 -25.21
N LYS C 47 14.69 32.19 -26.49
CA LYS C 47 13.47 32.50 -27.23
C LYS C 47 12.27 31.76 -26.66
N GLU C 48 11.16 32.46 -26.51
CA GLU C 48 9.92 31.87 -26.02
C GLU C 48 9.36 30.90 -27.04
N PRO C 49 9.06 31.39 -28.23
CA PRO C 49 8.42 30.55 -29.25
C PRO C 49 9.20 29.25 -29.50
N ASN C 50 10.16 29.29 -30.41
CA ASN C 50 10.89 28.09 -30.78
C ASN C 50 12.40 28.28 -30.74
N PRO C 51 13.02 27.91 -29.61
CA PRO C 51 14.48 27.94 -29.53
C PRO C 51 15.07 26.98 -30.55
N PRO C 52 16.19 27.35 -31.19
CA PRO C 52 16.84 26.46 -32.16
C PRO C 52 17.56 25.31 -31.45
N ILE C 53 16.83 24.59 -30.61
CA ILE C 53 17.41 23.51 -29.82
C ILE C 53 17.90 22.38 -30.72
N ASP C 54 17.17 22.13 -31.81
CA ASP C 54 17.51 21.03 -32.70
C ASP C 54 18.90 21.22 -33.27
N GLU C 55 19.18 22.43 -33.75
CA GLU C 55 20.46 22.71 -34.38
C GLU C 55 21.58 22.55 -33.38
N VAL C 56 21.46 23.26 -32.26
CA VAL C 56 22.46 23.20 -31.21
C VAL C 56 22.82 21.74 -30.91
N ILE C 57 21.79 20.94 -30.66
CA ILE C 57 21.96 19.53 -30.35
C ILE C 57 22.52 18.78 -31.55
N SER C 58 22.16 19.23 -32.75
CA SER C 58 22.64 18.62 -33.97
C SER C 58 24.15 18.69 -34.07
N THR C 59 24.70 19.90 -34.04
CA THR C 59 26.16 20.09 -34.10
C THR C 59 26.83 19.29 -33.01
N PRO C 60 27.70 18.34 -33.40
CA PRO C 60 28.29 17.34 -32.51
C PRO C 60 29.30 17.92 -31.54
N GLY C 61 29.26 17.49 -30.27
CA GLY C 61 30.22 17.93 -29.27
C GLY C 61 29.85 19.20 -28.54
N VAL C 62 28.88 19.93 -29.07
CA VAL C 62 28.45 21.19 -28.48
C VAL C 62 27.98 21.01 -27.03
N VAL C 63 27.05 20.08 -26.83
CA VAL C 63 26.54 19.81 -25.50
C VAL C 63 27.66 19.35 -24.57
N ALA C 64 28.46 18.39 -25.05
CA ALA C 64 29.57 17.85 -24.26
C ALA C 64 30.55 18.96 -23.88
N ARG C 65 30.64 19.96 -24.74
CA ARG C 65 31.53 21.09 -24.53
C ARG C 65 30.99 22.01 -23.44
N PHE C 66 29.74 22.43 -23.58
CA PHE C 66 29.08 23.24 -22.57
C PHE C 66 29.24 22.62 -21.20
N VAL C 67 29.18 21.29 -21.15
CA VAL C 67 29.36 20.53 -19.91
C VAL C 67 30.76 20.72 -19.34
N GLU C 68 31.76 20.72 -20.23
CA GLU C 68 33.15 20.88 -19.81
C GLU C 68 33.42 22.29 -19.31
N PHE C 69 32.65 23.26 -19.80
CA PHE C 69 32.77 24.64 -19.37
C PHE C 69 32.34 24.78 -17.91
N LEU C 70 31.48 23.89 -17.44
CA LEU C 70 31.07 23.87 -16.04
C LEU C 70 32.25 23.60 -15.10
N LYS C 71 33.31 23.02 -15.65
CA LYS C 71 34.48 22.65 -14.85
C LYS C 71 35.46 23.79 -14.65
N ARG C 72 35.18 24.93 -15.27
CA ARG C 72 36.07 26.08 -15.19
C ARG C 72 35.98 26.79 -13.85
N LYS C 73 36.49 26.14 -12.81
CA LYS C 73 36.59 26.73 -11.48
C LYS C 73 36.97 28.22 -11.49
N GLU C 74 37.92 28.57 -12.35
CA GLU C 74 38.47 29.92 -12.37
C GLU C 74 37.60 30.93 -13.09
N ASN C 75 36.51 30.46 -13.69
CA ASN C 75 35.71 31.33 -14.55
C ASN C 75 34.24 31.37 -14.15
N CYS C 76 33.87 32.36 -13.34
CA CYS C 76 32.49 32.46 -12.83
C CYS C 76 31.49 32.73 -13.96
N THR C 77 31.80 33.69 -14.82
CA THR C 77 30.89 34.08 -15.90
C THR C 77 30.70 32.96 -16.94
N LEU C 78 31.78 32.24 -17.26
CA LEU C 78 31.71 31.16 -18.22
C LEU C 78 30.90 29.99 -17.70
N GLN C 79 31.18 29.57 -16.46
CA GLN C 79 30.41 28.52 -15.83
C GLN C 79 28.94 28.89 -15.77
N PHE C 80 28.68 30.14 -15.41
CA PHE C 80 27.32 30.62 -15.21
C PHE C 80 26.48 30.52 -16.47
N GLU C 81 27.06 30.93 -17.59
CA GLU C 81 26.38 30.90 -18.88
C GLU C 81 26.18 29.47 -19.37
N SER C 82 27.21 28.64 -19.25
CA SER C 82 27.14 27.25 -19.67
C SER C 82 26.00 26.50 -19.00
N ALA C 83 25.87 26.71 -17.69
CA ALA C 83 24.82 26.06 -16.93
C ALA C 83 23.49 26.65 -17.35
N TRP C 84 23.47 27.95 -17.63
CA TRP C 84 22.25 28.60 -18.11
C TRP C 84 21.84 27.97 -19.44
N VAL C 85 22.83 27.71 -20.29
CA VAL C 85 22.56 27.10 -21.57
C VAL C 85 21.95 25.71 -21.43
N LEU C 86 22.72 24.81 -20.83
CA LEU C 86 22.26 23.45 -20.61
C LEU C 86 20.84 23.44 -20.03
N THR C 87 20.53 24.43 -19.20
CA THR C 87 19.20 24.53 -18.61
C THR C 87 18.12 24.77 -19.65
N ASN C 88 18.28 25.81 -20.46
CA ASN C 88 17.34 26.09 -21.54
C ASN C 88 17.18 24.89 -22.47
N ILE C 89 18.24 24.11 -22.64
CA ILE C 89 18.19 22.91 -23.43
C ILE C 89 17.31 21.86 -22.75
N ALA C 90 17.63 21.57 -21.49
CA ALA C 90 16.97 20.50 -20.77
C ALA C 90 15.54 20.88 -20.39
N SER C 91 15.37 22.03 -19.75
CA SER C 91 14.06 22.44 -19.27
C SER C 91 13.10 22.62 -20.43
N GLY C 92 11.98 21.91 -20.38
CA GLY C 92 10.94 22.04 -21.39
C GLY C 92 10.92 20.92 -22.41
N ASN C 93 11.46 19.76 -22.05
CA ASN C 93 11.44 18.61 -22.94
C ASN C 93 12.24 17.40 -22.43
N SER C 94 11.52 16.32 -22.15
CA SER C 94 12.10 15.10 -21.57
C SER C 94 13.28 14.54 -22.35
N LEU C 95 13.17 14.57 -23.67
CA LEU C 95 14.21 14.01 -24.54
C LEU C 95 15.53 14.77 -24.46
N GLN C 96 15.48 16.10 -24.55
CA GLN C 96 16.68 16.92 -24.46
C GLN C 96 17.20 16.97 -23.02
N THR C 97 16.32 16.72 -22.07
CA THR C 97 16.74 16.51 -20.69
C THR C 97 17.60 15.24 -20.63
N ARG C 98 17.17 14.20 -21.34
CA ARG C 98 17.94 12.96 -21.41
C ARG C 98 19.32 13.21 -22.02
N ILE C 99 19.35 14.03 -23.07
CA ILE C 99 20.60 14.32 -23.76
C ILE C 99 21.59 15.00 -22.82
N VAL C 100 21.11 15.94 -22.02
CA VAL C 100 21.99 16.64 -21.10
C VAL C 100 22.45 15.73 -19.95
N ILE C 101 21.53 14.91 -19.45
CA ILE C 101 21.88 13.96 -18.40
C ILE C 101 22.98 13.06 -18.93
N GLN C 102 22.82 12.69 -20.20
CA GLN C 102 23.68 11.70 -20.84
C GLN C 102 25.11 12.22 -21.03
N ALA C 103 25.25 13.54 -21.13
CA ALA C 103 26.55 14.18 -21.23
C ALA C 103 27.27 14.28 -19.88
N GLY C 104 26.54 14.03 -18.79
CA GLY C 104 27.14 13.95 -17.47
C GLY C 104 26.97 15.20 -16.65
N ALA C 105 26.01 16.04 -17.05
CA ALA C 105 25.79 17.31 -16.38
C ALA C 105 25.50 17.18 -14.89
N VAL C 106 24.61 16.24 -14.54
CA VAL C 106 24.05 16.18 -13.20
C VAL C 106 25.10 16.10 -12.08
N PRO C 107 26.03 15.14 -12.16
CA PRO C 107 27.10 15.07 -11.18
C PRO C 107 27.87 16.39 -11.04
N ILE C 108 28.01 17.13 -12.13
CA ILE C 108 28.76 18.39 -12.10
C ILE C 108 27.92 19.54 -11.55
N PHE C 109 26.66 19.61 -11.96
CA PHE C 109 25.76 20.61 -11.41
C PHE C 109 25.75 20.49 -9.90
N ILE C 110 25.73 19.25 -9.44
CA ILE C 110 25.81 18.94 -8.02
C ILE C 110 27.11 19.46 -7.43
N GLU C 111 28.21 19.26 -8.16
CA GLU C 111 29.50 19.74 -7.71
C GLU C 111 29.48 21.25 -7.55
N LEU C 112 28.81 21.95 -8.47
CA LEU C 112 28.79 23.42 -8.44
C LEU C 112 27.97 24.00 -7.31
N LEU C 113 27.17 23.16 -6.66
CA LEU C 113 26.41 23.59 -5.50
C LEU C 113 27.38 24.09 -4.43
N SER C 114 28.58 23.51 -4.43
CA SER C 114 29.62 23.88 -3.48
C SER C 114 30.75 24.66 -4.16
N SER C 115 30.44 25.82 -4.72
CA SER C 115 31.46 26.68 -5.31
C SER C 115 31.43 28.05 -4.63
N GLU C 116 32.51 28.82 -4.75
CA GLU C 116 32.58 30.12 -4.10
C GLU C 116 31.67 31.16 -4.75
N PHE C 117 31.37 30.97 -6.03
CA PHE C 117 30.48 31.88 -6.74
C PHE C 117 29.03 31.44 -6.57
N GLU C 118 28.29 32.18 -5.74
CA GLU C 118 26.91 31.80 -5.41
C GLU C 118 25.94 31.88 -6.58
N ASP C 119 26.25 32.71 -7.57
CA ASP C 119 25.46 32.75 -8.79
C ASP C 119 25.53 31.38 -9.46
N VAL C 120 26.73 30.82 -9.52
CA VAL C 120 26.92 29.47 -10.03
C VAL C 120 26.10 28.48 -9.21
N GLN C 121 26.09 28.70 -7.89
CA GLN C 121 25.30 27.86 -6.98
C GLN C 121 23.81 27.94 -7.31
N GLU C 122 23.27 29.14 -7.35
CA GLU C 122 21.86 29.35 -7.67
C GLU C 122 21.50 28.70 -9.01
N GLN C 123 22.34 28.90 -10.01
CA GLN C 123 22.09 28.37 -11.34
C GLN C 123 22.08 26.85 -11.28
N ALA C 124 23.12 26.28 -10.67
CA ALA C 124 23.20 24.83 -10.51
C ALA C 124 21.93 24.26 -9.83
N VAL C 125 21.55 24.84 -8.70
CA VAL C 125 20.38 24.34 -7.97
C VAL C 125 19.14 24.36 -8.88
N TRP C 126 18.96 25.46 -9.60
CA TRP C 126 17.86 25.59 -10.55
C TRP C 126 17.91 24.49 -11.62
N ALA C 127 19.05 24.33 -12.27
CA ALA C 127 19.21 23.27 -13.26
C ALA C 127 18.78 21.93 -12.68
N LEU C 128 19.36 21.57 -11.55
CA LEU C 128 19.04 20.31 -10.88
C LEU C 128 17.55 20.24 -10.55
N GLY C 129 17.00 21.36 -10.08
CA GLY C 129 15.57 21.42 -9.82
C GLY C 129 14.77 21.06 -11.06
N ASN C 130 15.10 21.68 -12.19
CA ASN C 130 14.41 21.39 -13.45
C ASN C 130 14.54 19.93 -13.86
N ILE C 131 15.73 19.40 -13.74
CA ILE C 131 16.01 18.03 -14.16
C ILE C 131 15.21 17.02 -13.35
N ALA C 132 15.27 17.14 -12.03
CA ALA C 132 14.62 16.18 -11.15
C ALA C 132 13.09 16.24 -11.24
N GLY C 133 12.58 17.40 -11.60
CA GLY C 133 11.13 17.56 -11.74
C GLY C 133 10.59 17.14 -13.09
N ASP C 134 11.48 16.66 -13.97
CA ASP C 134 11.07 16.27 -15.31
C ASP C 134 10.30 14.95 -15.32
N SER C 135 10.62 14.05 -14.40
CA SER C 135 9.99 12.74 -14.37
C SER C 135 10.39 11.96 -13.12
N THR C 136 9.70 10.86 -12.88
CA THR C 136 10.08 9.94 -11.81
C THR C 136 11.53 9.49 -11.99
N MET C 137 11.85 9.08 -13.20
CA MET C 137 13.18 8.58 -13.55
C MET C 137 14.28 9.60 -13.24
N CYS C 138 14.06 10.84 -13.62
CA CYS C 138 15.06 11.88 -13.41
C CYS C 138 15.17 12.25 -11.92
N ARG C 139 14.04 12.25 -11.23
CA ARG C 139 14.03 12.58 -9.80
C ARG C 139 14.90 11.58 -9.06
N ASP C 140 14.64 10.30 -9.31
CA ASP C 140 15.35 9.23 -8.64
C ASP C 140 16.83 9.19 -9.02
N TYR C 141 17.15 9.68 -10.22
CA TYR C 141 18.53 9.73 -10.68
C TYR C 141 19.32 10.83 -9.97
N VAL C 142 18.79 12.04 -9.96
CA VAL C 142 19.45 13.16 -9.31
C VAL C 142 19.69 12.86 -7.84
N LEU C 143 18.79 12.13 -7.21
CA LEU C 143 18.96 11.76 -5.81
C LEU C 143 20.11 10.78 -5.65
N ASP C 144 20.18 9.82 -6.57
CA ASP C 144 21.24 8.81 -6.57
C ASP C 144 22.62 9.46 -6.69
N CYS C 145 22.63 10.70 -7.14
CA CYS C 145 23.85 11.47 -7.25
C CYS C 145 24.08 12.36 -6.01
N ASN C 146 23.39 12.04 -4.91
CA ASN C 146 23.57 12.73 -3.63
C ASN C 146 23.39 14.25 -3.66
N ILE C 147 22.45 14.73 -4.46
CA ILE C 147 22.17 16.16 -4.51
C ILE C 147 21.81 16.70 -3.13
N LEU C 148 21.25 15.83 -2.29
CA LEU C 148 20.64 16.27 -1.06
C LEU C 148 21.60 17.00 -0.10
N PRO C 149 22.66 16.31 0.36
CA PRO C 149 23.54 16.93 1.35
C PRO C 149 24.02 18.34 0.98
N PRO C 150 24.54 18.54 -0.24
CA PRO C 150 25.00 19.90 -0.58
C PRO C 150 23.83 20.87 -0.73
N LEU C 151 22.76 20.40 -1.36
CA LEU C 151 21.52 21.19 -1.47
C LEU C 151 21.00 21.65 -0.10
N LEU C 152 20.81 20.72 0.83
CA LEU C 152 20.40 21.10 2.18
C LEU C 152 21.42 22.02 2.85
N GLN C 153 22.69 21.87 2.47
CA GLN C 153 23.76 22.66 3.06
C GLN C 153 23.64 24.13 2.68
N LEU C 154 22.94 24.39 1.59
CA LEU C 154 22.76 25.75 1.13
C LEU C 154 21.94 26.56 2.14
N PHE C 155 20.95 25.90 2.75
CA PHE C 155 20.06 26.57 3.68
C PHE C 155 20.80 27.08 4.92
N SER C 156 21.90 26.42 5.26
CA SER C 156 22.67 26.76 6.45
C SER C 156 22.97 28.27 6.56
N LYS C 157 23.37 28.89 5.45
CA LYS C 157 23.71 30.30 5.46
C LYS C 157 22.54 31.17 5.05
N GLN C 158 22.62 32.47 5.37
CA GLN C 158 21.61 33.43 4.97
C GLN C 158 21.70 33.72 3.48
N ASN C 159 20.83 33.08 2.72
CA ASN C 159 20.81 33.27 1.27
C ASN C 159 19.63 34.10 0.80
N ARG C 160 19.84 34.82 -0.30
CA ARG C 160 18.84 35.72 -0.85
C ARG C 160 17.59 34.96 -1.27
N LEU C 161 16.43 35.58 -1.04
CA LEU C 161 15.15 35.07 -1.50
C LEU C 161 15.30 34.11 -2.67
N THR C 162 15.93 34.61 -3.74
CA THR C 162 16.09 33.85 -4.97
C THR C 162 16.76 32.50 -4.73
N MET C 163 17.91 32.51 -4.06
CA MET C 163 18.62 31.26 -3.81
C MET C 163 17.72 30.29 -3.05
N THR C 164 17.06 30.80 -2.01
CA THR C 164 16.18 29.97 -1.19
C THR C 164 15.01 29.47 -2.03
N ARG C 165 14.39 30.37 -2.77
CA ARG C 165 13.25 30.03 -3.62
C ARG C 165 13.56 28.86 -4.57
N ASN C 166 14.70 28.91 -5.24
CA ASN C 166 15.15 27.81 -6.08
C ASN C 166 15.47 26.57 -5.26
N ALA C 167 16.12 26.76 -4.11
CA ALA C 167 16.50 25.64 -3.27
C ALA C 167 15.28 24.82 -2.88
N VAL C 168 14.34 25.47 -2.18
CA VAL C 168 13.16 24.76 -1.70
C VAL C 168 12.37 24.15 -2.85
N TRP C 169 12.33 24.85 -3.97
CA TRP C 169 11.65 24.36 -5.15
C TRP C 169 12.26 23.05 -5.63
N ALA C 170 13.60 23.01 -5.65
CA ALA C 170 14.30 21.79 -5.96
C ALA C 170 13.79 20.66 -5.06
N LEU C 171 13.84 20.88 -3.74
CA LEU C 171 13.38 19.88 -2.77
C LEU C 171 11.99 19.38 -3.10
N SER C 172 11.06 20.31 -3.32
CA SER C 172 9.71 19.98 -3.76
C SER C 172 9.76 18.96 -4.91
N ASN C 173 10.47 19.31 -5.97
CA ASN C 173 10.56 18.39 -7.10
C ASN C 173 11.21 17.04 -6.75
N LEU C 174 12.09 17.05 -5.76
CA LEU C 174 12.74 15.82 -5.32
C LEU C 174 11.81 14.96 -4.45
N CYS C 175 10.75 15.57 -3.94
CA CYS C 175 9.78 14.84 -3.12
C CYS C 175 8.53 14.43 -3.91
N ARG C 176 8.37 15.02 -5.09
CA ARG C 176 7.16 14.81 -5.88
C ARG C 176 7.19 13.46 -6.59
N GLY C 177 6.04 12.80 -6.65
CA GLY C 177 5.98 11.47 -7.23
C GLY C 177 5.19 10.50 -6.37
N LYS C 178 4.08 10.01 -6.93
CA LYS C 178 3.21 9.12 -6.20
C LYS C 178 3.31 7.72 -6.77
N SER C 179 3.84 7.61 -7.98
CA SER C 179 3.96 6.32 -8.66
C SER C 179 5.05 6.31 -9.74
N PRO C 180 6.25 5.85 -9.36
CA PRO C 180 6.52 5.41 -7.98
C PRO C 180 6.98 6.58 -7.15
N PRO C 181 6.75 6.52 -5.83
CA PRO C 181 7.32 7.53 -4.94
C PRO C 181 8.80 7.26 -4.75
N PRO C 182 9.57 8.28 -4.40
CA PRO C 182 11.01 8.10 -4.16
C PRO C 182 11.20 7.21 -2.94
N GLU C 183 12.36 6.57 -2.83
CA GLU C 183 12.69 5.84 -1.61
C GLU C 183 12.64 6.86 -0.49
N PHE C 184 11.74 6.63 0.48
CA PHE C 184 11.49 7.62 1.50
C PHE C 184 12.77 8.01 2.21
N ALA C 185 13.64 7.02 2.40
CA ALA C 185 14.89 7.21 3.12
C ALA C 185 15.82 8.21 2.43
N LYS C 186 15.45 8.61 1.22
CA LYS C 186 16.31 9.45 0.39
C LYS C 186 15.88 10.91 0.46
N VAL C 187 14.63 11.14 0.87
CA VAL C 187 14.07 12.49 0.87
C VAL C 187 13.68 12.96 2.26
N SER C 188 13.58 12.02 3.20
CA SER C 188 13.28 12.34 4.58
C SER C 188 14.32 13.24 5.29
N PRO C 189 15.62 13.08 4.96
CA PRO C 189 16.62 13.94 5.62
C PRO C 189 16.36 15.44 5.40
N CYS C 190 15.40 15.79 4.55
CA CYS C 190 15.13 17.18 4.30
C CYS C 190 13.98 17.67 5.17
N LEU C 191 13.36 16.76 5.92
CA LEU C 191 12.23 17.12 6.77
C LEU C 191 12.50 18.29 7.71
N ASN C 192 13.61 18.24 8.44
CA ASN C 192 13.95 19.31 9.35
C ASN C 192 13.94 20.68 8.68
N VAL C 193 14.71 20.82 7.61
CA VAL C 193 14.75 22.07 6.85
C VAL C 193 13.35 22.54 6.43
N LEU C 194 12.54 21.62 5.94
CA LEU C 194 11.16 21.92 5.60
C LEU C 194 10.43 22.62 6.74
N SER C 195 10.36 21.98 7.90
CA SER C 195 9.61 22.54 9.05
C SER C 195 10.11 23.94 9.42
N TRP C 196 11.40 24.17 9.18
CA TRP C 196 12.03 25.45 9.46
C TRP C 196 11.50 26.51 8.48
N LEU C 197 11.32 26.10 7.23
CA LEU C 197 10.85 27.00 6.18
C LEU C 197 9.39 27.44 6.32
N LEU C 198 8.65 26.72 7.15
CA LEU C 198 7.23 27.03 7.34
C LEU C 198 7.02 28.33 8.12
N PHE C 199 8.11 28.95 8.57
CA PHE C 199 8.03 30.18 9.35
C PHE C 199 8.56 31.39 8.59
N VAL C 200 9.01 31.16 7.36
CA VAL C 200 9.42 32.24 6.47
C VAL C 200 8.20 33.05 6.04
N SER C 201 8.39 34.35 5.83
CA SER C 201 7.29 35.21 5.43
C SER C 201 6.89 35.05 3.96
N ASP C 202 7.89 34.82 3.10
CA ASP C 202 7.70 34.73 1.66
C ASP C 202 6.74 33.62 1.26
N THR C 203 5.75 33.94 0.43
CA THR C 203 4.70 32.97 0.09
C THR C 203 5.12 31.90 -0.91
N ASP C 204 6.16 32.16 -1.69
CA ASP C 204 6.69 31.15 -2.61
C ASP C 204 7.44 30.06 -1.86
N VAL C 205 8.38 30.44 -1.01
CA VAL C 205 9.11 29.49 -0.16
C VAL C 205 8.12 28.74 0.72
N LEU C 206 7.14 29.46 1.28
CA LEU C 206 6.12 28.83 2.11
C LEU C 206 5.33 27.78 1.34
N ALA C 207 4.81 28.17 0.20
CA ALA C 207 4.02 27.26 -0.63
C ALA C 207 4.79 25.97 -0.97
N ASP C 208 6.02 26.13 -1.47
CA ASP C 208 6.81 25.00 -1.92
C ASP C 208 7.25 24.10 -0.75
N ALA C 209 7.45 24.71 0.43
CA ALA C 209 7.72 23.93 1.63
C ALA C 209 6.52 23.05 1.96
N CYS C 210 5.33 23.64 1.98
CA CYS C 210 4.13 22.82 2.16
C CYS C 210 4.01 21.73 1.11
N TRP C 211 4.24 22.07 -0.16
CA TRP C 211 4.15 21.06 -1.22
C TRP C 211 5.00 19.84 -0.90
N ALA C 212 6.27 20.06 -0.58
CA ALA C 212 7.13 18.95 -0.22
C ALA C 212 6.56 18.20 0.98
N LEU C 213 6.07 18.91 1.99
CA LEU C 213 5.44 18.26 3.13
C LEU C 213 4.15 17.57 2.69
N SER C 214 3.42 18.21 1.78
CA SER C 214 2.25 17.60 1.17
C SER C 214 2.62 16.25 0.54
N TYR C 215 3.81 16.17 -0.05
CA TYR C 215 4.21 14.95 -0.73
C TYR C 215 4.64 13.86 0.24
N LEU C 216 5.48 14.23 1.20
CA LEU C 216 5.99 13.26 2.17
C LEU C 216 4.88 12.64 3.02
N SER C 217 3.85 13.42 3.32
CA SER C 217 2.74 12.96 4.17
C SER C 217 1.75 12.08 3.42
N ASP C 218 2.00 11.87 2.14
CA ASP C 218 1.11 11.09 1.29
C ASP C 218 1.64 9.67 1.20
N GLY C 219 1.01 8.77 1.95
CA GLY C 219 1.42 7.37 1.95
C GLY C 219 1.10 6.70 3.26
N PRO C 220 1.78 5.58 3.54
CA PRO C 220 1.52 4.73 4.71
C PRO C 220 1.78 5.44 6.02
N ASN C 221 1.33 4.82 7.11
CA ASN C 221 1.37 5.43 8.44
C ASN C 221 2.79 5.68 8.95
N ASP C 222 3.72 4.82 8.55
CA ASP C 222 5.12 4.99 8.97
C ASP C 222 5.71 6.26 8.37
N LYS C 223 5.29 6.60 7.15
CA LYS C 223 5.75 7.83 6.53
C LYS C 223 5.09 9.05 7.17
N ILE C 224 3.83 8.90 7.53
CA ILE C 224 3.13 10.00 8.19
C ILE C 224 3.78 10.36 9.53
N GLN C 225 4.12 9.34 10.32
CA GLN C 225 4.78 9.56 11.60
C GLN C 225 6.05 10.36 11.45
N ALA C 226 6.77 10.10 10.36
CA ALA C 226 7.99 10.84 10.06
C ALA C 226 7.71 12.34 9.95
N VAL C 227 6.68 12.69 9.19
CA VAL C 227 6.31 14.09 9.03
C VAL C 227 5.94 14.67 10.38
N ILE C 228 5.02 13.99 11.07
CA ILE C 228 4.62 14.42 12.39
C ILE C 228 5.83 14.58 13.31
N ASP C 229 6.74 13.63 13.24
CA ASP C 229 7.91 13.64 14.13
C ASP C 229 8.81 14.84 13.87
N ALA C 230 8.64 15.49 12.72
CA ALA C 230 9.45 16.66 12.40
C ALA C 230 8.90 17.92 13.06
N GLY C 231 7.68 17.82 13.58
CA GLY C 231 7.05 18.94 14.28
C GLY C 231 6.47 20.00 13.38
N VAL C 232 5.59 19.60 12.47
CA VAL C 232 5.05 20.52 11.49
C VAL C 232 3.57 20.79 11.70
N CYS C 233 2.90 19.84 12.35
CA CYS C 233 1.45 19.94 12.49
C CYS C 233 0.96 21.30 12.97
N ARG C 234 1.50 21.78 14.09
CA ARG C 234 1.11 23.08 14.62
C ARG C 234 1.13 24.14 13.53
N ARG C 235 2.31 24.39 12.97
CA ARG C 235 2.50 25.40 11.93
C ARG C 235 1.63 25.12 10.72
N LEU C 236 1.53 23.84 10.34
CA LEU C 236 0.68 23.43 9.24
C LEU C 236 -0.75 23.86 9.47
N VAL C 237 -1.29 23.48 10.63
CA VAL C 237 -2.63 23.90 11.02
C VAL C 237 -2.75 25.42 11.08
N GLU C 238 -1.72 26.09 11.59
CA GLU C 238 -1.73 27.54 11.64
C GLU C 238 -1.88 28.14 10.25
N LEU C 239 -1.35 27.43 9.25
CA LEU C 239 -1.32 27.93 7.88
C LEU C 239 -2.64 27.80 7.15
N LEU C 240 -3.54 26.94 7.66
CA LEU C 240 -4.89 26.87 7.08
C LEU C 240 -5.60 28.23 7.11
N MET C 241 -5.12 29.14 7.96
CA MET C 241 -5.77 30.44 8.11
C MET C 241 -5.14 31.48 7.21
N HIS C 242 -4.11 31.08 6.49
CA HIS C 242 -3.40 31.99 5.58
C HIS C 242 -4.37 32.53 4.55
N ASN C 243 -4.12 33.75 4.08
CA ASN C 243 -5.03 34.41 3.14
C ASN C 243 -4.88 33.92 1.71
N ASP C 244 -3.66 33.58 1.32
CA ASP C 244 -3.35 33.20 -0.06
C ASP C 244 -3.71 31.75 -0.34
N TYR C 245 -4.51 31.53 -1.37
CA TYR C 245 -4.96 30.18 -1.73
C TYR C 245 -3.83 29.28 -2.19
N LYS C 246 -2.67 29.84 -2.53
CA LYS C 246 -1.58 29.03 -3.05
C LYS C 246 -0.74 28.43 -1.95
N VAL C 247 -0.95 28.90 -0.72
CA VAL C 247 -0.28 28.32 0.43
C VAL C 247 -1.26 27.56 1.31
N VAL C 248 -2.53 27.97 1.27
CA VAL C 248 -3.59 27.25 1.99
C VAL C 248 -3.87 25.90 1.34
N SER C 249 -3.77 25.84 0.02
CA SER C 249 -4.12 24.62 -0.68
C SER C 249 -3.21 23.47 -0.29
N PRO C 250 -1.88 23.65 -0.43
CA PRO C 250 -0.96 22.57 -0.09
C PRO C 250 -0.93 22.26 1.41
N ALA C 251 -1.07 23.28 2.25
CA ALA C 251 -1.11 23.08 3.69
C ALA C 251 -2.30 22.21 4.10
N LEU C 252 -3.47 22.56 3.57
CA LEU C 252 -4.68 21.78 3.80
C LEU C 252 -4.47 20.32 3.43
N ARG C 253 -3.96 20.08 2.23
CA ARG C 253 -3.72 18.71 1.78
C ARG C 253 -2.76 17.97 2.72
N ALA C 254 -1.67 18.61 3.12
CA ALA C 254 -0.72 17.98 4.02
C ALA C 254 -1.43 17.61 5.29
N VAL C 255 -2.14 18.59 5.88
CA VAL C 255 -2.94 18.32 7.06
C VAL C 255 -3.89 17.16 6.79
N GLY C 256 -4.73 17.32 5.77
CA GLY C 256 -5.64 16.26 5.36
C GLY C 256 -4.96 14.91 5.22
N ASN C 257 -3.78 14.89 4.63
CA ASN C 257 -3.03 13.65 4.48
C ASN C 257 -2.76 12.99 5.81
N ILE C 258 -2.27 13.80 6.76
CA ILE C 258 -1.86 13.30 8.07
C ILE C 258 -3.00 12.60 8.77
N VAL C 259 -4.20 13.19 8.70
CA VAL C 259 -5.37 12.57 9.31
C VAL C 259 -5.90 11.36 8.51
N THR C 260 -5.01 10.71 7.76
CA THR C 260 -5.35 9.43 7.15
C THR C 260 -4.66 8.34 7.93
N GLY C 261 -3.91 8.77 8.96
CA GLY C 261 -3.25 7.83 9.86
C GLY C 261 -4.21 7.30 10.92
N ASP C 262 -3.66 6.56 11.88
CA ASP C 262 -4.46 6.00 12.95
C ASP C 262 -5.03 7.08 13.88
N ASP C 263 -5.97 6.69 14.73
CA ASP C 263 -6.65 7.60 15.65
C ASP C 263 -5.66 8.47 16.41
N ILE C 264 -4.54 7.86 16.83
CA ILE C 264 -3.51 8.57 17.58
C ILE C 264 -2.81 9.66 16.76
N GLN C 265 -2.47 9.36 15.51
CA GLN C 265 -1.86 10.35 14.63
C GLN C 265 -2.83 11.49 14.36
N THR C 266 -4.09 11.18 14.08
CA THR C 266 -5.06 12.22 13.71
C THR C 266 -5.48 13.03 14.92
N GLN C 267 -5.29 12.46 16.12
CA GLN C 267 -5.47 13.22 17.35
C GLN C 267 -4.47 14.36 17.46
N VAL C 268 -3.25 14.13 16.96
CA VAL C 268 -2.24 15.17 16.96
C VAL C 268 -2.72 16.38 16.17
N ILE C 269 -3.32 16.13 15.01
CA ILE C 269 -3.94 17.21 14.23
C ILE C 269 -5.10 17.86 14.99
N LEU C 270 -5.95 17.03 15.60
CA LEU C 270 -7.05 17.54 16.39
C LEU C 270 -6.53 18.45 17.51
N ASN C 271 -5.50 18.00 18.23
CA ASN C 271 -4.97 18.76 19.35
C ASN C 271 -4.38 20.14 18.98
N CYS C 272 -4.27 20.42 17.68
CA CYS C 272 -3.77 21.72 17.23
C CYS C 272 -4.91 22.68 16.92
N SER C 273 -6.12 22.30 17.32
CA SER C 273 -7.32 23.08 17.02
C SER C 273 -7.48 23.32 15.52
N ALA C 274 -7.42 22.24 14.75
CA ALA C 274 -7.58 22.33 13.30
C ALA C 274 -9.04 22.51 12.94
N LEU C 275 -9.91 21.98 13.80
CA LEU C 275 -11.34 21.91 13.51
C LEU C 275 -11.98 23.27 13.25
N GLN C 276 -11.71 24.26 14.10
CA GLN C 276 -12.27 25.58 13.90
C GLN C 276 -11.72 26.22 12.63
N SER C 277 -10.45 25.94 12.33
CA SER C 277 -9.88 26.37 11.06
C SER C 277 -10.63 25.72 9.89
N LEU C 278 -10.81 24.41 9.97
CA LEU C 278 -11.56 23.67 8.95
C LEU C 278 -12.97 24.24 8.74
N LEU C 279 -13.67 24.45 9.84
CA LEU C 279 -14.99 25.08 9.80
C LEU C 279 -14.95 26.36 8.97
N HIS C 280 -13.88 27.14 9.15
CA HIS C 280 -13.70 28.39 8.42
C HIS C 280 -13.57 28.13 6.92
N LEU C 281 -12.85 27.06 6.57
CA LEU C 281 -12.59 26.74 5.18
C LEU C 281 -13.81 26.19 4.45
N LEU C 282 -14.80 25.71 5.21
CA LEU C 282 -16.03 25.21 4.62
C LEU C 282 -16.86 26.35 4.04
N SER C 283 -16.56 27.57 4.47
CA SER C 283 -17.20 28.76 3.91
C SER C 283 -16.37 29.39 2.81
N SER C 284 -15.16 28.88 2.60
CA SER C 284 -14.26 29.42 1.59
C SER C 284 -14.88 29.42 0.19
N PRO C 285 -14.69 30.52 -0.56
CA PRO C 285 -15.21 30.65 -1.92
C PRO C 285 -14.68 29.55 -2.85
N LYS C 286 -13.40 29.22 -2.72
CA LYS C 286 -12.76 28.20 -3.54
C LYS C 286 -13.34 26.81 -3.29
N GLU C 287 -14.02 26.27 -4.28
CA GLU C 287 -14.63 24.95 -4.15
C GLU C 287 -13.59 23.90 -3.81
N SER C 288 -12.41 24.03 -4.42
CA SER C 288 -11.28 23.13 -4.18
C SER C 288 -10.96 23.00 -2.69
N ILE C 289 -11.03 24.13 -1.97
CA ILE C 289 -10.76 24.15 -0.54
C ILE C 289 -11.88 23.49 0.24
N LYS C 290 -13.13 23.89 -0.05
CA LYS C 290 -14.28 23.24 0.56
C LYS C 290 -14.13 21.72 0.50
N LYS C 291 -14.14 21.18 -0.72
CA LYS C 291 -13.98 19.74 -0.93
C LYS C 291 -12.87 19.15 -0.07
N GLU C 292 -11.67 19.70 -0.21
CA GLU C 292 -10.52 19.21 0.54
C GLU C 292 -10.77 19.29 2.05
N ALA C 293 -11.51 20.29 2.49
CA ALA C 293 -11.80 20.43 3.91
C ALA C 293 -12.79 19.36 4.38
N CYS C 294 -13.81 19.10 3.58
CA CYS C 294 -14.77 18.05 3.91
C CYS C 294 -14.06 16.69 3.96
N TRP C 295 -13.24 16.44 2.94
CA TRP C 295 -12.48 15.20 2.88
C TRP C 295 -11.74 15.00 4.19
N THR C 296 -11.01 16.03 4.61
CA THR C 296 -10.27 15.98 5.87
C THR C 296 -11.20 15.67 7.03
N ILE C 297 -12.22 16.51 7.21
CA ILE C 297 -13.24 16.30 8.24
C ILE C 297 -13.80 14.89 8.21
N SER C 298 -14.12 14.42 7.00
CA SER C 298 -14.54 13.03 6.79
C SER C 298 -13.60 12.00 7.43
N ASN C 299 -12.30 12.21 7.27
CA ASN C 299 -11.33 11.28 7.83
C ASN C 299 -11.18 11.38 9.34
N ILE C 300 -11.62 12.51 9.89
CA ILE C 300 -11.71 12.65 11.34
C ILE C 300 -13.01 12.03 11.90
N THR C 301 -14.15 12.33 11.29
CA THR C 301 -15.40 11.70 11.73
C THR C 301 -15.36 10.20 11.49
N ALA C 302 -14.26 9.71 10.94
CA ALA C 302 -14.08 8.27 10.74
C ALA C 302 -13.22 7.66 11.85
N GLY C 303 -12.97 8.43 12.89
CA GLY C 303 -12.21 7.97 14.04
C GLY C 303 -13.09 7.50 15.19
N ASN C 304 -12.61 7.70 16.41
CA ASN C 304 -13.31 7.21 17.60
C ASN C 304 -14.43 8.15 18.03
N ARG C 305 -15.31 7.65 18.89
CA ARG C 305 -16.44 8.42 19.39
C ARG C 305 -16.04 9.82 19.86
N ALA C 306 -14.96 9.89 20.62
CA ALA C 306 -14.50 11.15 21.18
C ALA C 306 -14.15 12.16 20.09
N GLN C 307 -13.49 11.66 19.05
CA GLN C 307 -13.09 12.49 17.92
C GLN C 307 -14.32 12.97 17.15
N ILE C 308 -15.29 12.08 16.96
CA ILE C 308 -16.56 12.48 16.39
C ILE C 308 -17.18 13.59 17.24
N GLN C 309 -17.18 13.41 18.56
CA GLN C 309 -17.73 14.41 19.45
C GLN C 309 -17.02 15.76 19.28
N THR C 310 -15.70 15.73 19.18
CA THR C 310 -14.93 16.96 18.96
C THR C 310 -15.43 17.68 17.71
N VAL C 311 -15.77 16.92 16.67
CA VAL C 311 -16.28 17.51 15.43
C VAL C 311 -17.63 18.18 15.70
N ILE C 312 -18.54 17.45 16.35
CA ILE C 312 -19.80 18.04 16.77
C ILE C 312 -19.55 19.34 17.53
N ASP C 313 -18.77 19.24 18.60
CA ASP C 313 -18.44 20.39 19.44
C ASP C 313 -17.85 21.57 18.65
N ALA C 314 -17.07 21.27 17.62
CA ALA C 314 -16.52 22.32 16.79
C ALA C 314 -17.63 23.03 16.02
N ASN C 315 -18.86 22.52 16.15
CA ASN C 315 -20.04 23.08 15.52
C ASN C 315 -19.97 22.99 14.00
N ILE C 316 -19.44 21.87 13.53
CA ILE C 316 -19.11 21.68 12.13
C ILE C 316 -20.26 21.11 11.30
N PHE C 317 -21.04 20.22 11.90
CA PHE C 317 -22.12 19.55 11.17
C PHE C 317 -23.20 20.48 10.60
N PRO C 318 -23.43 21.64 11.23
CA PRO C 318 -24.36 22.57 10.60
C PRO C 318 -23.86 22.94 9.21
N ALA C 319 -22.55 23.15 9.10
CA ALA C 319 -21.95 23.58 7.83
C ALA C 319 -21.91 22.46 6.80
N LEU C 320 -21.71 21.24 7.26
CA LEU C 320 -21.63 20.09 6.36
C LEU C 320 -22.97 19.86 5.68
N ILE C 321 -24.06 20.14 6.39
CA ILE C 321 -25.39 19.93 5.85
C ILE C 321 -25.69 20.99 4.80
N SER C 322 -25.37 22.23 5.10
CA SER C 322 -25.58 23.32 4.16
C SER C 322 -24.72 23.08 2.92
N ILE C 323 -23.57 22.45 3.12
CA ILE C 323 -22.69 22.13 2.00
C ILE C 323 -23.29 21.05 1.12
N LEU C 324 -24.12 20.20 1.72
CA LEU C 324 -24.82 19.15 0.98
C LEU C 324 -26.01 19.68 0.18
N GLN C 325 -26.27 20.98 0.29
CA GLN C 325 -27.41 21.58 -0.38
C GLN C 325 -27.00 22.71 -1.32
N THR C 326 -25.87 23.34 -1.02
CA THR C 326 -25.40 24.46 -1.81
C THR C 326 -24.21 24.09 -2.71
N ALA C 327 -23.19 23.51 -2.09
CA ALA C 327 -21.92 23.24 -2.77
C ALA C 327 -22.07 22.35 -4.01
N GLU C 328 -20.98 22.27 -4.78
CA GLU C 328 -20.94 21.45 -5.99
C GLU C 328 -20.95 19.97 -5.66
N PHE C 329 -21.31 19.15 -6.65
CA PHE C 329 -21.47 17.72 -6.46
C PHE C 329 -20.19 17.04 -5.97
N ARG C 330 -19.07 17.34 -6.60
CA ARG C 330 -17.81 16.68 -6.27
C ARG C 330 -17.41 16.99 -4.83
N THR C 331 -17.89 18.11 -4.31
CA THR C 331 -17.67 18.49 -2.92
C THR C 331 -18.64 17.77 -2.02
N ARG C 332 -19.90 17.74 -2.42
CA ARG C 332 -20.94 17.06 -1.66
C ARG C 332 -20.56 15.62 -1.36
N LYS C 333 -19.97 14.94 -2.35
CA LYS C 333 -19.53 13.57 -2.15
C LYS C 333 -18.73 13.47 -0.86
N GLU C 334 -17.81 14.40 -0.65
CA GLU C 334 -16.96 14.37 0.52
C GLU C 334 -17.77 14.57 1.80
N ALA C 335 -18.66 15.55 1.78
CA ALA C 335 -19.50 15.86 2.93
C ALA C 335 -20.38 14.69 3.32
N ALA C 336 -20.90 13.99 2.31
CA ALA C 336 -21.72 12.82 2.56
C ALA C 336 -20.93 11.77 3.34
N TRP C 337 -19.66 11.62 2.99
CA TRP C 337 -18.78 10.71 3.71
C TRP C 337 -18.66 11.08 5.18
N ALA C 338 -18.49 12.38 5.44
CA ALA C 338 -18.31 12.85 6.80
C ALA C 338 -19.47 12.40 7.67
N ILE C 339 -20.69 12.65 7.19
CA ILE C 339 -21.91 12.29 7.90
C ILE C 339 -22.00 10.78 8.13
N THR C 340 -21.92 10.00 7.06
CA THR C 340 -22.09 8.56 7.16
C THR C 340 -21.03 8.00 8.09
N ASN C 341 -19.85 8.57 8.03
CA ASN C 341 -18.78 8.11 8.90
C ASN C 341 -19.21 8.31 10.35
N ALA C 342 -19.69 9.51 10.66
CA ALA C 342 -20.23 9.77 11.98
C ALA C 342 -21.34 8.76 12.35
N THR C 343 -22.26 8.51 11.42
CA THR C 343 -23.40 7.65 11.73
C THR C 343 -22.99 6.23 12.12
N SER C 344 -21.85 5.75 11.62
CA SER C 344 -21.43 4.37 11.90
C SER C 344 -20.51 4.22 13.12
N GLY C 345 -19.87 5.31 13.52
CA GLY C 345 -19.01 5.29 14.69
C GLY C 345 -19.58 6.05 15.86
N GLY C 346 -20.66 6.77 15.61
CA GLY C 346 -21.29 7.62 16.62
C GLY C 346 -22.22 6.89 17.57
N SER C 347 -22.54 7.55 18.68
CA SER C 347 -23.44 6.98 19.68
C SER C 347 -24.90 7.29 19.34
N ALA C 348 -25.81 6.57 20.00
CA ALA C 348 -27.23 6.84 19.86
C ALA C 348 -27.50 8.33 19.99
N GLU C 349 -26.93 8.94 21.03
CA GLU C 349 -27.13 10.36 21.28
C GLU C 349 -26.54 11.21 20.17
N GLN C 350 -25.41 10.77 19.63
CA GLN C 350 -24.74 11.48 18.55
C GLN C 350 -25.58 11.47 17.28
N ILE C 351 -26.00 10.28 16.85
CA ILE C 351 -26.82 10.14 15.65
C ILE C 351 -28.10 10.98 15.78
N LYS C 352 -28.85 10.75 16.86
CA LYS C 352 -30.02 11.56 17.19
C LYS C 352 -29.77 13.02 16.85
N TYR C 353 -28.59 13.50 17.20
CA TYR C 353 -28.21 14.89 16.96
C TYR C 353 -28.10 15.23 15.47
N LEU C 354 -27.38 14.42 14.71
CA LEU C 354 -27.26 14.66 13.28
C LEU C 354 -28.64 14.67 12.64
N VAL C 355 -29.50 13.74 13.06
CA VAL C 355 -30.85 13.66 12.53
C VAL C 355 -31.63 14.92 12.87
N GLU C 356 -31.42 15.41 14.09
CA GLU C 356 -32.06 16.64 14.54
C GLU C 356 -31.75 17.80 13.60
N LEU C 357 -30.52 17.85 13.09
CA LEU C 357 -30.14 18.89 12.14
C LEU C 357 -30.68 18.60 10.74
N GLY C 358 -31.39 17.48 10.60
CA GLY C 358 -32.00 17.13 9.33
C GLY C 358 -31.01 16.63 8.30
N CYS C 359 -30.28 15.58 8.65
CA CYS C 359 -29.28 15.04 7.76
C CYS C 359 -29.84 13.90 6.93
N ILE C 360 -31.05 13.47 7.28
CA ILE C 360 -31.72 12.40 6.53
C ILE C 360 -31.99 12.85 5.09
N LYS C 361 -32.50 14.08 4.96
CA LYS C 361 -32.86 14.62 3.65
C LYS C 361 -31.68 14.62 2.67
N PRO C 362 -30.57 15.27 3.02
CA PRO C 362 -29.41 15.34 2.13
C PRO C 362 -28.92 13.96 1.69
N LEU C 363 -28.95 13.00 2.61
CA LEU C 363 -28.56 11.64 2.32
C LEU C 363 -29.50 11.01 1.29
N CYS C 364 -30.80 11.17 1.51
CA CYS C 364 -31.82 10.64 0.61
C CYS C 364 -31.58 11.06 -0.84
N ASP C 365 -31.33 12.35 -1.05
CA ASP C 365 -31.18 12.90 -2.39
C ASP C 365 -29.97 12.35 -3.14
N LEU C 366 -29.12 11.59 -2.44
CA LEU C 366 -27.93 11.03 -3.05
C LEU C 366 -28.11 9.56 -3.38
N LEU C 367 -29.30 9.04 -3.12
CA LEU C 367 -29.59 7.63 -3.34
C LEU C 367 -29.62 7.26 -4.82
N THR C 368 -30.03 8.20 -5.68
CA THR C 368 -30.23 7.91 -7.10
C THR C 368 -29.11 8.46 -7.99
N VAL C 369 -27.93 8.63 -7.41
CA VAL C 369 -26.80 9.22 -8.12
C VAL C 369 -26.10 8.24 -9.08
N MET C 370 -25.34 8.79 -10.03
CA MET C 370 -24.55 8.00 -10.97
C MET C 370 -23.48 7.17 -10.27
N ASP C 371 -22.67 7.84 -9.44
CA ASP C 371 -21.61 7.16 -8.71
C ASP C 371 -22.18 6.07 -7.80
N SER C 372 -21.98 4.82 -8.20
CA SER C 372 -22.44 3.68 -7.42
C SER C 372 -21.95 3.75 -5.99
N LYS C 373 -20.84 4.47 -5.79
CA LYS C 373 -20.18 4.53 -4.48
C LYS C 373 -20.97 5.41 -3.51
N ILE C 374 -21.27 6.63 -3.94
CA ILE C 374 -21.96 7.57 -3.07
C ILE C 374 -23.34 7.04 -2.71
N VAL C 375 -23.93 6.27 -3.61
CA VAL C 375 -25.18 5.58 -3.32
C VAL C 375 -25.02 4.73 -2.07
N GLN C 376 -23.97 3.90 -2.05
CA GLN C 376 -23.70 3.03 -0.92
C GLN C 376 -23.49 3.83 0.36
N VAL C 377 -22.75 4.93 0.23
CA VAL C 377 -22.54 5.84 1.36
C VAL C 377 -23.87 6.35 1.91
N ALA C 378 -24.79 6.68 1.02
CA ALA C 378 -26.10 7.20 1.40
C ALA C 378 -26.93 6.09 2.04
N LEU C 379 -26.87 4.90 1.48
CA LEU C 379 -27.57 3.75 2.04
C LEU C 379 -27.01 3.39 3.42
N ASN C 380 -25.70 3.45 3.57
CA ASN C 380 -25.06 3.14 4.84
C ASN C 380 -25.46 4.10 5.92
N GLY C 381 -25.60 5.37 5.57
CA GLY C 381 -25.99 6.36 6.55
C GLY C 381 -27.42 6.14 7.02
N LEU C 382 -28.30 5.91 6.06
CA LEU C 382 -29.71 5.79 6.36
C LEU C 382 -29.97 4.52 7.13
N GLU C 383 -29.17 3.50 6.87
CA GLU C 383 -29.31 2.25 7.60
C GLU C 383 -28.95 2.48 9.06
N ASN C 384 -27.75 2.97 9.30
CA ASN C 384 -27.30 3.23 10.67
C ASN C 384 -28.36 3.94 11.49
N ILE C 385 -28.88 5.03 10.93
CA ILE C 385 -29.93 5.81 11.56
C ILE C 385 -31.13 4.92 11.91
N LEU C 386 -31.68 4.27 10.89
CA LEU C 386 -32.78 3.35 11.09
C LEU C 386 -32.49 2.35 12.20
N ARG C 387 -31.24 1.88 12.26
CA ARG C 387 -30.81 0.95 13.31
C ARG C 387 -31.02 1.55 14.70
N LEU C 388 -30.87 2.88 14.79
CA LEU C 388 -31.15 3.58 16.03
C LEU C 388 -32.65 3.63 16.30
N GLY C 389 -33.40 4.21 15.37
CA GLY C 389 -34.83 4.30 15.51
C GLY C 389 -35.48 2.97 15.80
N GLU C 390 -34.81 1.90 15.39
CA GLU C 390 -35.26 0.54 15.69
C GLU C 390 -35.08 0.29 17.19
N GLN C 391 -34.04 0.89 17.75
CA GLN C 391 -33.79 0.81 19.19
C GLN C 391 -34.82 1.63 19.96
N GLU C 392 -34.89 2.92 19.64
CA GLU C 392 -35.82 3.82 20.32
C GLU C 392 -37.25 3.28 20.30
N ALA C 393 -37.52 2.42 19.33
CA ALA C 393 -38.86 1.83 19.19
C ALA C 393 -39.24 1.03 20.42
N LYS C 394 -38.46 0.00 20.73
CA LYS C 394 -38.79 -0.92 21.83
C LYS C 394 -38.69 -0.23 23.19
N ARG C 395 -37.93 0.86 23.24
CA ARG C 395 -37.60 1.51 24.50
C ARG C 395 -38.21 2.91 24.56
N ASN C 396 -39.10 3.21 23.62
CA ASN C 396 -40.16 4.19 23.83
C ASN C 396 -41.53 3.55 23.65
N GLY C 397 -41.57 2.23 23.65
CA GLY C 397 -42.81 1.50 23.40
C GLY C 397 -43.78 2.29 22.55
N THR C 398 -43.24 3.11 21.65
CA THR C 398 -44.01 3.60 20.50
C THR C 398 -44.20 2.50 19.47
N GLY C 399 -43.22 1.61 19.36
CA GLY C 399 -43.28 0.51 18.41
C GLY C 399 -43.31 1.00 16.98
N ILE C 400 -43.36 2.30 16.80
CA ILE C 400 -42.82 2.93 15.60
C ILE C 400 -41.29 3.00 15.63
N ASN C 401 -40.68 3.08 14.46
CA ASN C 401 -39.36 3.67 14.33
C ASN C 401 -39.42 5.13 13.86
N PRO C 402 -39.19 6.05 14.80
CA PRO C 402 -39.37 7.48 14.53
C PRO C 402 -38.85 7.87 13.15
N TYR C 403 -37.80 7.20 12.69
CA TYR C 403 -36.96 7.73 11.63
C TYR C 403 -37.41 7.35 10.22
N CYS C 404 -37.98 6.17 10.05
CA CYS C 404 -38.38 5.75 8.72
C CYS C 404 -39.55 6.58 8.20
N ALA C 405 -40.22 7.28 9.12
CA ALA C 405 -41.24 8.24 8.72
C ALA C 405 -40.57 9.50 8.16
N LEU C 406 -39.54 9.97 8.85
CA LEU C 406 -38.78 11.14 8.40
C LEU C 406 -38.13 10.86 7.06
N ILE C 407 -37.78 9.59 6.85
CA ILE C 407 -37.18 9.16 5.60
C ILE C 407 -38.23 9.09 4.51
N GLU C 408 -39.40 8.61 4.86
CA GLU C 408 -40.49 8.50 3.89
C GLU C 408 -40.85 9.88 3.37
N GLU C 409 -40.89 10.86 4.27
CA GLU C 409 -41.27 12.21 3.89
C GLU C 409 -40.13 13.00 3.23
N ALA C 410 -38.95 12.41 3.16
CA ALA C 410 -37.83 13.00 2.43
C ALA C 410 -37.66 12.33 1.06
N TYR C 411 -38.66 11.55 0.67
CA TYR C 411 -38.67 10.81 -0.59
C TYR C 411 -37.57 9.74 -0.67
N GLY C 412 -36.99 9.41 0.47
CA GLY C 412 -35.99 8.36 0.51
C GLY C 412 -36.56 6.98 0.28
N LEU C 413 -37.75 6.74 0.82
CA LEU C 413 -38.42 5.45 0.65
C LEU C 413 -38.70 5.18 -0.82
N ASP C 414 -39.11 6.23 -1.54
CA ASP C 414 -39.31 6.10 -2.99
C ASP C 414 -38.00 5.68 -3.65
N LYS C 415 -36.91 6.36 -3.29
CA LYS C 415 -35.62 6.09 -3.89
C LYS C 415 -35.09 4.70 -3.53
N ILE C 416 -35.29 4.31 -2.26
CA ILE C 416 -34.86 2.98 -1.85
C ILE C 416 -35.60 1.91 -2.64
N GLU C 417 -36.88 2.13 -2.88
CA GLU C 417 -37.66 1.23 -3.72
C GLU C 417 -37.02 1.16 -5.10
N PHE C 418 -36.90 2.31 -5.76
CA PHE C 418 -36.29 2.37 -7.08
C PHE C 418 -34.98 1.60 -7.13
N LEU C 419 -34.16 1.79 -6.10
CA LEU C 419 -32.81 1.22 -6.08
C LEU C 419 -32.84 -0.30 -6.24
N GLN C 420 -34.03 -0.88 -6.06
CA GLN C 420 -34.20 -2.31 -6.30
C GLN C 420 -34.08 -2.64 -7.78
N SER C 421 -33.65 -1.66 -8.56
CA SER C 421 -33.46 -1.85 -10.00
C SER C 421 -32.02 -1.55 -10.41
N HIS C 422 -31.19 -1.20 -9.42
CA HIS C 422 -29.79 -0.89 -9.65
C HIS C 422 -29.04 -2.03 -10.32
N GLU C 423 -28.10 -1.69 -11.19
CA GLU C 423 -27.23 -2.67 -11.83
C GLU C 423 -26.52 -3.53 -10.79
N ASN C 424 -25.92 -2.88 -9.81
CA ASN C 424 -25.20 -3.58 -8.76
C ASN C 424 -26.12 -4.44 -7.90
N GLN C 425 -25.82 -5.74 -7.84
CA GLN C 425 -26.61 -6.70 -7.08
C GLN C 425 -26.67 -6.32 -5.60
N GLU C 426 -25.51 -6.17 -4.98
CA GLU C 426 -25.42 -5.86 -3.55
C GLU C 426 -26.31 -4.67 -3.17
N ILE C 427 -26.37 -3.66 -4.03
CA ILE C 427 -27.18 -2.49 -3.76
C ILE C 427 -28.66 -2.83 -3.84
N TYR C 428 -29.01 -3.60 -4.86
CA TYR C 428 -30.38 -4.09 -4.98
C TYR C 428 -30.80 -4.77 -3.70
N GLN C 429 -29.95 -5.66 -3.20
CA GLN C 429 -30.27 -6.46 -2.02
C GLN C 429 -30.40 -5.59 -0.79
N LYS C 430 -29.52 -4.61 -0.65
CA LYS C 430 -29.60 -3.72 0.50
C LYS C 430 -30.98 -3.05 0.54
N ALA C 431 -31.36 -2.43 -0.57
CA ALA C 431 -32.64 -1.74 -0.68
C ALA C 431 -33.79 -2.70 -0.35
N PHE C 432 -33.65 -3.93 -0.84
CA PHE C 432 -34.63 -4.97 -0.59
C PHE C 432 -34.71 -5.26 0.90
N ASP C 433 -33.55 -5.43 1.52
CA ASP C 433 -33.48 -5.70 2.94
C ASP C 433 -34.03 -4.55 3.78
N LEU C 434 -33.55 -3.33 3.53
CA LEU C 434 -34.01 -2.16 4.29
C LEU C 434 -35.53 -2.08 4.29
N ILE C 435 -36.13 -2.31 3.14
CA ILE C 435 -37.58 -2.23 3.03
C ILE C 435 -38.25 -3.29 3.90
N GLU C 436 -38.02 -4.56 3.54
CA GLU C 436 -38.56 -5.69 4.29
C GLU C 436 -38.28 -5.57 5.77
N HIS C 437 -37.23 -4.82 6.10
CA HIS C 437 -36.78 -4.66 7.48
C HIS C 437 -37.63 -3.60 8.19
N TYR C 438 -37.39 -2.33 7.85
CA TYR C 438 -37.92 -1.21 8.62
C TYR C 438 -39.24 -0.64 8.10
N PHE C 439 -39.74 -1.18 6.99
CA PHE C 439 -40.97 -0.64 6.42
C PHE C 439 -42.02 -1.71 6.23
N GLY C 440 -41.64 -2.76 5.53
CA GLY C 440 -42.54 -3.86 5.26
C GLY C 440 -43.07 -3.84 3.84
N THR C 441 -43.57 -4.98 3.37
CA THR C 441 -44.17 -5.06 2.05
C THR C 441 -45.66 -4.79 2.11
N GLU C 442 -46.24 -4.43 0.97
CA GLU C 442 -47.57 -3.83 0.93
C GLU C 442 -48.63 -4.85 0.55
N PRO D 2 -18.97 -2.71 14.10
CA PRO D 2 -18.02 -1.85 13.39
C PRO D 2 -16.80 -1.51 14.24
N LEU D 3 -16.22 -2.52 14.90
CA LEU D 3 -15.08 -2.30 15.81
C LEU D 3 -13.71 -2.35 15.14
N GLY D 4 -13.56 -3.18 14.12
CA GLY D 4 -12.25 -3.38 13.54
C GLY D 4 -11.92 -2.56 12.31
N SER D 5 -12.88 -1.80 11.80
CA SER D 5 -12.78 -1.35 10.41
C SER D 5 -11.85 -0.18 10.11
N MET D 6 -11.48 -0.07 8.85
CA MET D 6 -10.64 1.01 8.33
C MET D 6 -11.49 1.99 7.54
N ALA D 7 -12.03 3.00 8.23
CA ALA D 7 -12.92 3.95 7.58
C ALA D 7 -12.15 5.07 6.86
N LYS D 8 -10.82 5.01 6.97
CA LYS D 8 -9.96 6.06 6.40
C LYS D 8 -9.89 6.00 4.86
N ARG D 9 -9.87 7.17 4.23
CA ARG D 9 -9.80 7.26 2.77
C ARG D 9 -8.68 8.15 2.26
N ASN D 10 -7.66 7.56 1.64
CA ASN D 10 -6.60 8.35 1.01
C ASN D 10 -7.17 9.25 -0.09
N ALA D 11 -6.43 10.31 -0.43
CA ALA D 11 -6.85 11.22 -1.49
C ALA D 11 -6.80 10.52 -2.85
N GLU D 12 -7.73 10.89 -3.73
CA GLU D 12 -7.80 10.28 -5.07
C GLU D 12 -6.61 10.68 -5.94
N LYS D 13 -6.62 11.92 -6.40
CA LYS D 13 -5.56 12.43 -7.26
C LYS D 13 -4.48 13.10 -6.43
N GLU D 14 -3.28 13.17 -6.97
CA GLU D 14 -2.19 13.85 -6.30
C GLU D 14 -2.28 15.34 -6.62
N LEU D 15 -1.96 16.17 -5.64
CA LEU D 15 -2.01 17.62 -5.82
C LEU D 15 -0.59 18.14 -5.88
N THR D 16 -0.29 19.00 -6.84
CA THR D 16 1.06 19.51 -7.01
C THR D 16 1.10 21.01 -7.23
N ASP D 17 2.30 21.58 -7.26
CA ASP D 17 2.50 23.01 -7.46
C ASP D 17 2.08 23.44 -8.86
N ARG D 18 1.86 22.46 -9.74
CA ARG D 18 1.58 22.73 -11.13
C ARG D 18 0.17 22.29 -11.52
N ASN D 19 -0.69 22.13 -10.53
CA ASN D 19 -1.87 21.30 -10.67
C ASN D 19 -3.01 21.75 -9.79
N TRP D 20 -2.68 22.42 -8.70
CA TRP D 20 -3.65 22.72 -7.66
C TRP D 20 -4.83 23.58 -8.14
N ASP D 21 -4.53 24.63 -8.90
CA ASP D 21 -5.55 25.59 -9.31
C ASP D 21 -5.95 25.38 -10.77
N GLN D 22 -7.00 24.60 -10.99
CA GLN D 22 -7.65 24.55 -12.29
C GLN D 22 -9.03 23.89 -12.19
N GLU D 23 -10.02 24.68 -11.81
CA GLU D 23 -11.28 24.13 -11.31
C GLU D 23 -12.04 23.42 -12.42
N ASP D 24 -12.42 22.18 -12.16
CA ASP D 24 -12.59 21.20 -13.23
C ASP D 24 -14.00 21.24 -13.78
N GLU D 25 -14.40 20.17 -14.48
CA GLU D 25 -15.63 20.17 -15.26
C GLU D 25 -16.90 20.71 -14.59
N ALA D 26 -17.06 20.39 -13.31
CA ALA D 26 -18.37 20.32 -12.66
C ALA D 26 -19.17 19.05 -12.89
N GLU D 27 -19.16 18.15 -11.91
CA GLU D 27 -19.40 16.74 -12.15
C GLU D 27 -20.89 16.45 -12.28
N GLU D 28 -21.22 15.30 -12.85
CA GLU D 28 -22.54 15.08 -13.44
C GLU D 28 -23.37 14.14 -12.58
N VAL D 29 -24.11 14.71 -11.64
CA VAL D 29 -24.89 13.93 -10.68
C VAL D 29 -25.46 12.68 -11.34
N GLY D 30 -26.32 12.87 -12.34
CA GLY D 30 -26.86 11.76 -13.11
C GLY D 30 -27.84 10.85 -12.38
N THR D 31 -28.17 9.75 -13.03
CA THR D 31 -29.07 8.74 -12.47
C THR D 31 -28.29 7.43 -12.35
N PHE D 32 -28.58 6.63 -11.34
CA PHE D 32 -27.86 5.38 -11.16
C PHE D 32 -28.11 4.45 -12.34
N SER D 33 -27.12 3.64 -12.67
CA SER D 33 -27.25 2.70 -13.77
C SER D 33 -28.27 1.62 -13.45
N MET D 34 -29.29 1.50 -14.31
CA MET D 34 -30.36 0.54 -14.10
C MET D 34 -29.90 -0.84 -14.52
N ALA D 35 -30.62 -1.86 -14.04
CA ALA D 35 -30.33 -3.24 -14.42
C ALA D 35 -31.01 -3.61 -15.72
N SER D 36 -30.50 -4.64 -16.36
CA SER D 36 -31.04 -5.10 -17.63
C SER D 36 -32.43 -5.66 -17.47
N GLU D 37 -33.34 -5.23 -18.33
CA GLU D 37 -34.71 -5.72 -18.32
C GLU D 37 -34.78 -7.17 -17.83
N GLU D 38 -33.99 -8.04 -18.45
CA GLU D 38 -34.02 -9.45 -18.10
C GLU D 38 -33.79 -9.67 -16.61
N VAL D 39 -32.75 -9.05 -16.07
CA VAL D 39 -32.45 -9.19 -14.65
C VAL D 39 -33.56 -8.57 -13.80
N LEU D 40 -34.10 -7.45 -14.28
CA LEU D 40 -35.14 -6.72 -13.56
C LEU D 40 -36.35 -7.58 -13.23
N LYS D 41 -36.81 -8.37 -14.20
CA LYS D 41 -37.95 -9.26 -14.00
C LYS D 41 -37.54 -10.50 -13.22
N ASN D 42 -36.29 -10.90 -13.40
CA ASN D 42 -35.72 -12.03 -12.68
C ASN D 42 -35.91 -11.90 -11.18
N ARG D 43 -35.32 -10.88 -10.59
CA ARG D 43 -35.36 -10.64 -9.16
C ARG D 43 -36.76 -10.20 -8.68
N ALA D 44 -37.05 -10.48 -7.41
CA ALA D 44 -38.33 -10.10 -6.83
C ALA D 44 -38.22 -8.75 -6.16
N ILE D 45 -39.18 -7.88 -6.47
CA ILE D 45 -39.20 -6.53 -5.91
C ILE D 45 -40.16 -6.44 -4.72
N LYS D 46 -40.14 -5.31 -4.02
CA LYS D 46 -41.07 -5.08 -2.91
C LYS D 46 -41.70 -3.70 -2.94
N LYS D 47 -42.91 -3.61 -2.43
CA LYS D 47 -43.59 -2.34 -2.31
C LYS D 47 -43.67 -2.00 -0.82
N ALA D 48 -42.90 -0.99 -0.42
CA ALA D 48 -42.85 -0.59 0.97
C ALA D 48 -44.24 -0.23 1.54
N LYS D 49 -44.56 -0.80 2.69
CA LYS D 49 -45.76 -0.44 3.43
C LYS D 49 -45.64 1.03 3.82
N ARG D 50 -46.67 1.82 3.53
CA ARG D 50 -46.57 3.26 3.75
C ARG D 50 -47.51 3.80 4.84
N ARG D 51 -47.26 5.03 5.26
CA ARG D 51 -47.72 5.54 6.55
C ARG D 51 -48.11 7.01 6.45
#